data_3S4D
#
_entry.id   3S4D
#
_cell.length_a   84.710
_cell.length_b   92.880
_cell.length_c   104.420
_cell.angle_alpha   90.000
_cell.angle_beta   90.000
_cell.angle_gamma   90.000
#
_symmetry.space_group_name_H-M   'P 21 21 2'
#
loop_
_entity.id
_entity.type
_entity.pdbx_description
1 polymer 'Lactose Phosphorylase'
2 branched beta-D-glucopyranose-(1-4)-beta-D-glucopyranose
3 non-polymer 'SULFATE ION'
4 water water
#
_entity_poly.entity_id   1
_entity_poly.type   'polypeptide(L)'
_entity_poly.pdbx_seq_one_letter_code
;MRYGHFDDEAREYVITTPHTPYPWINYLGSEQFFSLLSHQAGGYSFYRDAKMRRLTRYRYNNIPADAGGRYLYVNDGGDV
WTPSWLPVKADLDHFEARHGLGYSTITGERNGVRVETLFFVPVGENAEVQKVTVTNTSDSYKSLTLFSFVEFCLWNAQDD
QTNYQRNLSIGEVEVEQESPHGSAIYHRTEYRERRDHYAVFAVNTQAEGFDTDRDTFVGAYNSLGEAAVPLKGESANSVA
SGWYPIGSHSVAVSLAPGESRELVYVLGYVENPDEEKWADDAKQVVNKERAHALLSRFATSEQTDAAFAALKDYWTDLLS
TYSVSSNDEKLDRMVNIWNQYQCMVTFNMSRSASFFETGIGRGMGFRDSNQDLLGFVHLIPERARERIIDIASTQFADGS
AYHQYQPLTKRGNNDIGSGFNDDPLWLIAGTAAYIKETGDFSILDEPVPFDNEPGSEVPLFEHLTRSFEFTVTHRGPHGL
PLIGRADWNDCLNLNCFSTTPGESFQTIENQAGGVAESTFIAAQFVLYGEQYAELAARRGLADVADRARGHVAEMRDALL
TDGWDGSWFLRAYDYYGNPIGTDAHDEGKIWIEPQGFAVMAGVGVGEGPQDTDAPAIKALDSVNEMLATDHGMVLQYPAY
TTYQVHMGEVSTYPPGYKENGGIFCHANPWVIIAETVVGRGGRAFDYYKRITPAYREDISDVHRLEPYVYAQMIAGKEAV
RHGEAKNSWLTGTAAWNFVTVSQYLLGVRPEYDGLVVDPQIGPDVPSFTVTRVARGATYEITVTNSGTDGSRGRLVVDGT
PVEGNLVPYAPAGSTVRVDVTL
;
_entity_poly.pdbx_strand_id   A
#
loop_
_chem_comp.id
_chem_comp.type
_chem_comp.name
_chem_comp.formula
BGC D-saccharide, beta linking beta-D-glucopyranose 'C6 H12 O6'
SO4 non-polymer 'SULFATE ION' 'O4 S -2'
#
# COMPACT_ATOMS: atom_id res chain seq x y z
N MET A 1 -25.02 1.48 -7.98
CA MET A 1 -24.29 2.68 -8.32
C MET A 1 -22.98 2.38 -9.05
N ARG A 2 -22.54 3.33 -9.88
CA ARG A 2 -21.26 3.28 -10.57
C ARG A 2 -20.87 4.69 -11.01
N TYR A 3 -19.57 4.96 -11.08
CA TYR A 3 -19.08 6.32 -11.31
C TYR A 3 -17.95 6.36 -12.33
N GLY A 4 -17.65 5.20 -12.88
CA GLY A 4 -16.60 5.05 -13.86
C GLY A 4 -16.49 3.60 -14.27
N HIS A 5 -15.41 3.28 -14.98
CA HIS A 5 -15.21 1.93 -15.47
C HIS A 5 -13.74 1.71 -15.67
N PHE A 6 -13.35 0.48 -15.98
CA PHE A 6 -11.97 0.17 -16.29
C PHE A 6 -11.71 0.24 -17.78
N ASP A 7 -10.64 0.95 -18.16
CA ASP A 7 -10.15 0.93 -19.52
C ASP A 7 -8.81 0.20 -19.56
N ASP A 8 -8.90 -1.12 -19.58
CA ASP A 8 -7.73 -1.98 -19.63
C ASP A 8 -6.76 -1.54 -20.72
N GLU A 9 -7.23 -1.53 -21.96
CA GLU A 9 -6.39 -1.17 -23.10
C GLU A 9 -5.49 0.03 -22.80
N ALA A 10 -6.00 0.94 -21.96
CA ALA A 10 -5.27 2.14 -21.58
C ALA A 10 -4.60 1.97 -20.22
N ARG A 11 -4.94 0.88 -19.53
CA ARG A 11 -4.42 0.59 -18.20
C ARG A 11 -4.81 1.67 -17.22
N GLU A 12 -6.11 1.90 -17.06
CA GLU A 12 -6.54 3.01 -16.24
C GLU A 12 -8.00 2.97 -15.84
N TYR A 13 -8.30 3.58 -14.69
CA TYR A 13 -9.67 3.67 -14.21
C TYR A 13 -10.22 5.07 -14.48
N VAL A 14 -11.39 5.10 -15.10
CA VAL A 14 -12.02 6.34 -15.53
C VAL A 14 -13.14 6.75 -14.62
N ILE A 15 -13.29 8.05 -14.38
CA ILE A 15 -14.39 8.54 -13.56
C ILE A 15 -15.27 9.59 -14.24
N THR A 16 -16.57 9.40 -14.09
CA THR A 16 -17.58 10.22 -14.73
C THR A 16 -17.77 11.56 -14.01
N THR A 17 -17.84 11.51 -12.68
CA THR A 17 -18.22 12.66 -11.88
C THR A 17 -17.39 12.83 -10.62
N PRO A 18 -17.34 14.05 -10.09
CA PRO A 18 -16.79 14.44 -8.79
C PRO A 18 -17.73 14.08 -7.64
N HIS A 19 -18.86 13.46 -7.97
CA HIS A 19 -19.89 13.16 -6.98
C HIS A 19 -19.77 11.72 -6.50
N THR A 20 -18.58 11.19 -6.67
CA THR A 20 -18.19 9.98 -6.00
C THR A 20 -18.59 10.08 -4.53
N PRO A 21 -18.83 8.94 -3.88
CA PRO A 21 -19.20 8.83 -2.46
C PRO A 21 -18.12 9.32 -1.50
N TYR A 22 -16.89 8.88 -1.76
CA TYR A 22 -15.75 9.21 -0.93
C TYR A 22 -14.62 9.55 -1.89
N PRO A 23 -13.65 10.37 -1.46
CA PRO A 23 -12.55 10.68 -2.38
C PRO A 23 -11.71 9.46 -2.81
N TRP A 24 -11.60 9.30 -4.12
CA TRP A 24 -10.84 8.23 -4.75
C TRP A 24 -9.54 8.79 -5.29
N ILE A 25 -8.43 8.20 -4.88
CA ILE A 25 -7.13 8.77 -5.17
C ILE A 25 -6.20 7.81 -5.90
N ASN A 26 -5.09 8.36 -6.40
CA ASN A 26 -4.05 7.55 -6.99
C ASN A 26 -2.76 7.91 -6.31
N TYR A 27 -1.79 7.00 -6.39
CA TYR A 27 -0.46 7.24 -5.85
C TYR A 27 0.56 7.47 -6.95
N LEU A 28 1.08 8.69 -7.00
CA LEU A 28 2.10 9.06 -7.98
C LEU A 28 3.48 8.83 -7.40
N GLY A 29 4.39 8.30 -8.20
CA GLY A 29 5.80 8.23 -7.83
C GLY A 29 6.21 6.99 -7.07
N SER A 30 7.16 6.26 -7.62
CA SER A 30 7.48 4.93 -7.10
C SER A 30 8.86 4.83 -6.46
N GLU A 31 9.61 5.92 -6.40
CA GLU A 31 10.99 5.79 -5.92
C GLU A 31 11.36 6.52 -4.64
N GLN A 32 11.28 7.85 -4.67
CA GLN A 32 11.78 8.63 -3.55
C GLN A 32 10.83 9.76 -3.17
N PHE A 33 10.04 10.21 -4.13
CA PHE A 33 9.13 11.32 -3.89
C PHE A 33 7.77 10.95 -4.48
N PHE A 34 6.83 10.63 -3.61
CA PHE A 34 5.49 10.22 -4.02
C PHE A 34 4.54 11.33 -3.70
N SER A 35 3.53 11.47 -4.54
CA SER A 35 2.43 12.37 -4.24
C SER A 35 1.14 11.58 -4.24
N LEU A 36 0.15 12.08 -3.51
CA LEU A 36 -1.17 11.46 -3.39
C LEU A 36 -2.16 12.39 -4.01
N LEU A 37 -2.84 11.99 -5.06
CA LEU A 37 -3.84 12.91 -5.59
C LEU A 37 -5.23 12.33 -5.76
N SER A 38 -6.17 12.94 -5.04
CA SER A 38 -7.57 12.66 -5.21
C SER A 38 -7.91 13.00 -6.62
N HIS A 39 -8.87 12.28 -7.17
CA HIS A 39 -9.39 12.62 -8.48
C HIS A 39 -9.88 14.08 -8.50
N GLN A 40 -9.98 14.66 -7.30
CA GLN A 40 -10.33 16.08 -7.18
C GLN A 40 -9.12 16.99 -7.20
N ALA A 41 -7.95 16.38 -7.38
CA ALA A 41 -6.68 17.07 -7.30
C ALA A 41 -6.34 17.33 -5.85
N GLY A 42 -7.29 17.01 -4.96
CA GLY A 42 -7.08 17.09 -3.53
C GLY A 42 -6.03 16.08 -3.11
N GLY A 43 -5.28 16.37 -2.07
CA GLY A 43 -4.21 15.47 -1.63
C GLY A 43 -2.97 16.24 -1.30
N TYR A 44 -1.82 15.58 -1.33
CA TYR A 44 -0.60 16.25 -0.94
C TYR A 44 0.63 15.45 -1.34
N SER A 45 1.82 16.00 -1.09
CA SER A 45 3.06 15.43 -1.61
C SER A 45 4.22 15.40 -0.59
N PHE A 46 5.12 14.43 -0.73
CA PHE A 46 6.23 14.29 0.21
C PHE A 46 7.45 13.59 -0.38
N TYR A 47 8.61 13.82 0.24
CA TYR A 47 9.83 13.15 -0.18
C TYR A 47 10.19 12.07 0.83
N ARG A 48 10.32 10.85 0.33
CA ARG A 48 10.73 9.71 1.13
C ARG A 48 9.75 9.47 2.25
N ASP A 49 9.66 10.45 3.13
CA ASP A 49 8.80 10.37 4.31
C ASP A 49 7.80 11.52 4.27
N ALA A 50 6.58 11.25 4.75
CA ALA A 50 5.55 12.28 4.83
C ALA A 50 5.31 12.77 6.27
N LYS A 51 5.73 11.98 7.25
CA LYS A 51 5.68 12.42 8.63
C LYS A 51 6.56 13.64 8.73
N MET A 52 7.73 13.54 8.10
CA MET A 52 8.75 14.56 8.28
C MET A 52 8.87 15.54 7.15
N ARG A 53 8.83 15.05 5.91
CA ARG A 53 8.93 15.91 4.73
C ARG A 53 7.63 15.87 3.98
N ARG A 54 6.63 16.52 4.55
CA ARG A 54 5.38 16.72 3.86
C ARG A 54 5.57 17.95 3.02
N LEU A 55 5.80 17.80 1.74
CA LEU A 55 5.96 18.99 0.93
C LEU A 55 4.75 19.89 1.18
N THR A 56 3.54 19.38 1.01
CA THR A 56 2.38 20.27 1.06
C THR A 56 1.22 19.83 1.99
N ARG A 57 0.37 20.80 2.33
CA ARG A 57 -0.63 20.63 3.38
C ARG A 57 -1.98 20.03 2.95
N TYR A 58 -2.34 18.93 3.61
CA TYR A 58 -3.66 18.37 3.49
C TYR A 58 -4.28 18.36 4.88
N ARG A 59 -5.61 18.43 4.91
CA ARG A 59 -6.35 18.48 6.15
C ARG A 59 -7.44 17.40 6.13
N TYR A 60 -7.23 16.36 6.94
CA TYR A 60 -8.21 15.30 7.09
C TYR A 60 -9.32 15.85 7.93
N ASN A 61 -10.38 15.08 8.08
CA ASN A 61 -11.41 15.52 8.98
C ASN A 61 -11.68 16.92 8.51
N ASN A 62 -12.06 17.04 7.24
CA ASN A 62 -12.41 18.35 6.69
C ASN A 62 -13.87 18.40 6.27
N ILE A 63 -14.42 19.60 6.29
CA ILE A 63 -15.81 19.83 5.95
C ILE A 63 -15.92 20.81 4.77
N PRO A 64 -16.27 20.30 3.55
CA PRO A 64 -16.61 18.89 3.29
C PRO A 64 -15.36 18.12 3.31
N ALA A 65 -15.45 16.81 3.38
CA ALA A 65 -14.23 16.03 3.34
C ALA A 65 -13.44 16.36 2.07
N ASP A 66 -12.27 16.97 2.24
CA ASP A 66 -11.27 17.06 1.19
C ASP A 66 -11.24 18.35 0.34
N ALA A 67 -11.75 19.46 0.85
CA ALA A 67 -11.55 20.73 0.15
C ALA A 67 -10.12 21.21 0.35
N GLY A 68 -9.37 21.32 -0.75
CA GLY A 68 -7.95 21.61 -0.64
C GLY A 68 -7.10 20.53 -1.26
N GLY A 69 -6.69 20.80 -2.49
CA GLY A 69 -5.74 19.97 -3.22
C GLY A 69 -5.01 20.92 -4.12
N ARG A 70 -4.29 20.39 -5.11
CA ARG A 70 -3.68 21.26 -6.10
C ARG A 70 -4.79 21.78 -6.98
N TYR A 71 -4.92 23.10 -7.06
CA TYR A 71 -6.03 23.69 -7.78
C TYR A 71 -5.63 24.78 -8.76
N LEU A 72 -6.40 24.90 -9.83
CA LEU A 72 -6.19 25.95 -10.79
C LEU A 72 -7.43 26.81 -10.76
N TYR A 73 -7.24 28.09 -10.44
CA TYR A 73 -8.33 29.07 -10.48
C TYR A 73 -8.40 29.73 -11.83
N VAL A 74 -9.59 29.79 -12.40
CA VAL A 74 -9.78 30.30 -13.74
C VAL A 74 -10.81 31.39 -13.70
N ASN A 75 -10.47 32.56 -14.22
CA ASN A 75 -11.41 33.67 -14.31
C ASN A 75 -11.76 33.99 -15.77
N ASP A 76 -13.03 33.82 -16.11
CA ASP A 76 -13.51 34.10 -17.46
C ASP A 76 -14.42 35.34 -17.45
N GLY A 77 -13.82 36.52 -17.60
CA GLY A 77 -14.56 37.77 -17.48
C GLY A 77 -15.36 37.82 -16.19
N GLY A 78 -14.67 37.64 -15.07
CA GLY A 78 -15.29 37.70 -13.76
C GLY A 78 -15.91 36.38 -13.37
N ASP A 79 -15.57 35.34 -14.12
CA ASP A 79 -16.07 34.02 -13.80
C ASP A 79 -14.98 33.12 -13.23
N VAL A 80 -15.15 32.71 -11.98
CA VAL A 80 -14.16 31.87 -11.34
C VAL A 80 -14.69 30.46 -11.11
N TRP A 81 -14.01 29.49 -11.72
CA TRP A 81 -14.40 28.11 -11.58
C TRP A 81 -13.16 27.20 -11.59
N THR A 82 -13.32 26.04 -10.99
CA THR A 82 -12.23 25.08 -10.94
C THR A 82 -12.77 23.73 -11.38
N PRO A 83 -12.04 23.08 -12.31
CA PRO A 83 -12.27 21.76 -12.91
C PRO A 83 -12.17 20.68 -11.87
N SER A 84 -11.40 20.92 -10.83
CA SER A 84 -11.40 20.01 -9.71
C SER A 84 -12.80 20.05 -9.12
N TRP A 85 -13.60 21.00 -9.61
CA TRP A 85 -14.93 21.24 -9.11
C TRP A 85 -14.76 21.78 -7.71
N LEU A 86 -14.36 20.90 -6.79
CA LEU A 86 -13.68 21.35 -5.60
C LEU A 86 -12.66 22.35 -6.11
N PRO A 87 -12.47 23.44 -5.37
CA PRO A 87 -13.13 23.74 -4.09
C PRO A 87 -14.38 24.59 -4.32
N VAL A 88 -14.37 25.34 -5.41
CA VAL A 88 -15.44 26.25 -5.71
C VAL A 88 -16.73 25.48 -5.95
N LYS A 89 -16.61 24.19 -6.21
CA LYS A 89 -17.79 23.39 -6.50
C LYS A 89 -18.75 24.15 -7.44
N ALA A 90 -18.38 24.21 -8.72
CA ALA A 90 -19.12 24.97 -9.71
C ALA A 90 -19.94 24.04 -10.60
N ASP A 91 -20.81 24.63 -11.42
CA ASP A 91 -21.62 23.84 -12.35
C ASP A 91 -20.79 23.50 -13.58
N LEU A 92 -20.47 22.21 -13.77
CA LEU A 92 -19.62 21.80 -14.89
C LEU A 92 -20.41 21.27 -16.10
N ASP A 93 -20.01 21.69 -17.29
CA ASP A 93 -20.58 21.18 -18.54
C ASP A 93 -20.25 19.71 -18.71
N HIS A 94 -18.96 19.40 -18.57
CA HIS A 94 -18.48 18.03 -18.62
C HIS A 94 -17.30 17.89 -17.67
N PHE A 95 -17.14 16.69 -17.11
CA PHE A 95 -16.05 16.43 -16.16
C PHE A 95 -15.63 14.96 -16.17
N GLU A 96 -14.35 14.71 -15.90
CA GLU A 96 -13.86 13.33 -15.87
C GLU A 96 -12.45 13.21 -15.28
N ALA A 97 -12.23 12.15 -14.53
CA ALA A 97 -10.93 11.87 -13.91
C ALA A 97 -10.50 10.44 -14.17
N ARG A 98 -9.33 10.27 -14.76
CA ARG A 98 -8.82 8.93 -15.02
C ARG A 98 -7.56 8.63 -14.22
N HIS A 99 -7.64 7.60 -13.40
CA HIS A 99 -6.47 7.22 -12.65
C HIS A 99 -5.55 6.46 -13.57
N GLY A 100 -4.25 6.53 -13.29
CA GLY A 100 -3.28 5.90 -14.14
C GLY A 100 -2.22 5.19 -13.33
N LEU A 101 -1.21 4.69 -14.02
CA LEU A 101 -0.13 4.03 -13.33
C LEU A 101 0.97 5.06 -13.17
N GLY A 102 1.00 5.68 -11.99
CA GLY A 102 1.94 6.75 -11.72
C GLY A 102 1.33 8.11 -11.99
N TYR A 103 0.12 8.12 -12.54
CA TYR A 103 -0.52 9.38 -12.88
C TYR A 103 -2.04 9.38 -12.90
N SER A 104 -2.59 10.58 -12.99
CA SER A 104 -4.02 10.77 -13.13
C SER A 104 -4.29 12.00 -13.97
N THR A 105 -5.49 12.03 -14.52
CA THR A 105 -5.92 13.07 -15.41
C THR A 105 -7.15 13.68 -14.79
N ILE A 106 -7.20 15.00 -14.78
CA ILE A 106 -8.41 15.69 -14.37
C ILE A 106 -8.78 16.66 -15.45
N THR A 107 -10.03 16.58 -15.87
CA THR A 107 -10.50 17.39 -16.97
C THR A 107 -11.84 17.99 -16.60
N GLY A 108 -11.96 19.31 -16.72
CA GLY A 108 -13.18 20.00 -16.34
C GLY A 108 -13.65 21.03 -17.35
N GLU A 109 -14.97 21.13 -17.53
CA GLU A 109 -15.48 22.03 -18.56
C GLU A 109 -16.66 22.90 -18.12
N ARG A 110 -16.41 24.20 -17.98
CA ARG A 110 -17.51 25.13 -17.71
C ARG A 110 -17.49 26.37 -18.60
N ASN A 111 -18.68 26.73 -19.08
CA ASN A 111 -18.87 27.95 -19.87
C ASN A 111 -17.87 28.14 -20.99
N GLY A 112 -17.84 27.19 -21.92
CA GLY A 112 -17.13 27.33 -23.17
C GLY A 112 -15.63 27.29 -23.06
N VAL A 113 -15.12 26.78 -21.95
CA VAL A 113 -13.68 26.63 -21.81
C VAL A 113 -13.31 25.29 -21.22
N ARG A 114 -12.20 24.74 -21.69
CA ARG A 114 -11.76 23.42 -21.29
C ARG A 114 -10.42 23.51 -20.58
N VAL A 115 -10.36 22.96 -19.38
CA VAL A 115 -9.08 22.84 -18.69
C VAL A 115 -8.83 21.39 -18.34
N GLU A 116 -7.69 20.89 -18.80
CA GLU A 116 -7.32 19.53 -18.53
C GLU A 116 -5.95 19.54 -17.92
N THR A 117 -5.78 18.77 -16.86
CA THR A 117 -4.49 18.67 -16.24
C THR A 117 -4.00 17.25 -16.34
N LEU A 118 -2.70 17.09 -16.50
CA LEU A 118 -2.07 15.79 -16.36
C LEU A 118 -1.27 15.82 -15.08
N PHE A 119 -1.56 14.90 -14.18
CA PHE A 119 -0.78 14.84 -12.96
C PHE A 119 0.15 13.67 -12.96
N PHE A 120 1.43 13.96 -12.77
CA PHE A 120 2.33 12.86 -12.60
C PHE A 120 3.64 13.26 -11.98
N VAL A 121 4.12 12.32 -11.18
CA VAL A 121 5.45 12.38 -10.62
C VAL A 121 6.18 11.45 -11.54
N PRO A 122 7.16 11.97 -12.28
CA PRO A 122 8.03 11.20 -13.17
C PRO A 122 9.34 10.72 -12.56
N VAL A 123 9.88 9.71 -13.22
CA VAL A 123 11.04 8.96 -12.76
C VAL A 123 12.30 9.80 -12.67
N GLY A 124 13.04 9.64 -11.59
CA GLY A 124 14.32 10.33 -11.40
C GLY A 124 14.16 11.73 -10.87
N GLU A 125 12.98 12.30 -11.09
CA GLU A 125 12.67 13.64 -10.62
C GLU A 125 11.87 13.57 -9.32
N ASN A 126 12.48 14.05 -8.24
CA ASN A 126 11.79 14.11 -6.96
C ASN A 126 10.84 15.28 -6.97
N ALA A 127 9.98 15.30 -7.97
CA ALA A 127 9.03 16.39 -8.14
C ALA A 127 7.74 15.88 -8.76
N GLU A 128 6.60 16.45 -8.36
CA GLU A 128 5.36 16.13 -9.04
C GLU A 128 5.18 17.07 -10.21
N VAL A 129 5.10 16.52 -11.42
CA VAL A 129 4.95 17.34 -12.60
C VAL A 129 3.51 17.42 -13.02
N GLN A 130 3.15 18.57 -13.55
CA GLN A 130 1.80 18.87 -13.93
C GLN A 130 1.84 19.46 -15.31
N LYS A 131 1.04 18.91 -16.22
CA LYS A 131 0.95 19.45 -17.57
C LYS A 131 -0.49 19.85 -17.86
N VAL A 132 -0.70 21.14 -18.08
CA VAL A 132 -2.05 21.64 -18.29
C VAL A 132 -2.31 21.91 -19.76
N THR A 133 -3.56 21.77 -20.14
CA THR A 133 -3.93 21.97 -21.53
C THR A 133 -5.27 22.67 -21.61
N VAL A 134 -5.25 23.93 -21.18
CA VAL A 134 -6.42 24.79 -21.31
C VAL A 134 -6.68 25.03 -22.78
N THR A 135 -7.84 24.58 -23.21
CA THR A 135 -8.22 24.61 -24.61
C THR A 135 -9.56 25.29 -24.64
N ASN A 136 -9.84 26.05 -25.69
CA ASN A 136 -11.10 26.78 -25.79
C ASN A 136 -12.02 26.17 -26.85
N THR A 137 -13.22 25.83 -26.45
CA THR A 137 -14.10 25.04 -27.30
C THR A 137 -15.27 25.87 -27.86
N SER A 138 -15.09 27.19 -27.90
CA SER A 138 -16.19 28.09 -28.23
C SER A 138 -15.97 28.80 -29.57
N ASP A 139 -17.08 29.17 -30.20
CA ASP A 139 -17.07 29.97 -31.41
C ASP A 139 -16.52 31.37 -31.08
N SER A 140 -16.91 31.88 -29.92
CA SER A 140 -16.48 33.20 -29.49
C SER A 140 -15.09 33.16 -28.88
N TYR A 141 -14.57 34.33 -28.54
CA TYR A 141 -13.27 34.43 -27.88
C TYR A 141 -13.44 34.32 -26.37
N LYS A 142 -12.52 33.60 -25.74
CA LYS A 142 -12.44 33.58 -24.29
C LYS A 142 -11.08 34.15 -23.92
N SER A 143 -11.08 35.19 -23.09
CA SER A 143 -9.83 35.75 -22.59
C SER A 143 -9.74 35.51 -21.09
N LEU A 144 -8.84 34.63 -20.70
CA LEU A 144 -8.83 34.12 -19.34
C LEU A 144 -7.59 34.52 -18.59
N THR A 145 -7.70 34.50 -17.27
CA THR A 145 -6.58 34.70 -16.38
C THR A 145 -6.59 33.53 -15.42
N LEU A 146 -5.45 32.88 -15.25
CA LEU A 146 -5.39 31.63 -14.51
C LEU A 146 -4.59 31.70 -13.22
N PHE A 147 -5.19 31.20 -12.16
CA PHE A 147 -4.53 31.17 -10.87
C PHE A 147 -4.24 29.73 -10.49
N SER A 148 -2.98 29.48 -10.16
CA SER A 148 -2.57 28.17 -9.69
C SER A 148 -2.41 28.25 -8.18
N PHE A 149 -2.88 27.23 -7.48
CA PHE A 149 -2.85 27.23 -6.03
C PHE A 149 -2.08 26.03 -5.47
N VAL A 150 -1.54 26.21 -4.27
CA VAL A 150 -0.90 25.12 -3.56
C VAL A 150 -0.70 25.62 -2.14
N GLU A 151 -0.79 24.74 -1.16
CA GLU A 151 -0.54 25.16 0.20
C GLU A 151 0.55 24.33 0.87
N PHE A 152 1.73 24.91 0.94
CA PHE A 152 2.90 24.23 1.46
C PHE A 152 2.64 23.72 2.87
N CYS A 153 3.25 22.60 3.21
CA CYS A 153 3.25 22.12 4.61
C CYS A 153 4.65 22.31 5.12
N LEU A 154 4.76 23.00 6.25
CA LEU A 154 6.05 23.47 6.78
C LEU A 154 6.99 22.32 7.04
N TRP A 155 7.01 21.41 6.07
CA TRP A 155 7.93 20.30 6.05
C TRP A 155 7.61 19.20 7.05
N ASN A 156 7.01 19.55 8.19
CA ASN A 156 6.76 18.54 9.22
C ASN A 156 5.32 18.43 9.70
N ALA A 157 4.73 17.27 9.52
CA ALA A 157 3.33 17.07 9.91
C ALA A 157 3.04 17.16 11.40
N GLN A 158 3.73 16.37 12.21
CA GLN A 158 3.47 16.42 13.66
C GLN A 158 3.63 17.82 14.20
N ASP A 159 4.70 18.48 13.78
CA ASP A 159 4.98 19.84 14.21
C ASP A 159 4.03 20.84 13.54
N ASP A 160 3.80 20.66 12.25
CA ASP A 160 2.98 21.59 11.48
C ASP A 160 1.54 21.53 11.87
N GLN A 161 0.95 20.36 11.72
CA GLN A 161 -0.46 20.16 11.99
C GLN A 161 -0.81 20.63 13.39
N THR A 162 0.10 20.43 14.32
CA THR A 162 -0.27 20.44 15.72
C THR A 162 0.40 21.52 16.54
N ASN A 163 1.48 22.10 16.05
CA ASN A 163 2.26 22.94 16.94
C ASN A 163 2.47 24.38 16.48
N TYR A 164 1.50 25.25 16.76
CA TYR A 164 1.42 26.56 16.13
C TYR A 164 2.16 27.69 16.83
N GLN A 165 2.57 27.43 18.07
CA GLN A 165 3.22 28.47 18.84
C GLN A 165 4.55 28.93 18.19
N ARG A 166 5.47 28.00 17.92
CA ARG A 166 6.71 28.32 17.20
C ARG A 166 6.42 28.44 15.71
N ASN A 167 5.40 27.71 15.26
CA ASN A 167 5.22 27.42 13.83
C ASN A 167 4.81 28.60 12.96
N LEU A 168 3.95 29.47 13.48
CA LEU A 168 3.42 30.55 12.66
C LEU A 168 4.44 31.65 12.39
N SER A 169 5.60 31.57 13.04
CA SER A 169 6.59 32.64 12.91
C SER A 169 7.82 32.27 12.06
N ILE A 170 7.84 31.05 11.56
CA ILE A 170 9.00 30.58 10.83
C ILE A 170 8.80 30.53 9.32
N GLY A 171 7.61 30.89 8.85
CA GLY A 171 7.25 30.71 7.45
C GLY A 171 7.81 31.67 6.43
N GLU A 172 9.12 31.85 6.38
CA GLU A 172 9.71 32.71 5.33
C GLU A 172 9.89 31.97 4.00
N VAL A 173 9.45 32.61 2.91
CA VAL A 173 9.65 32.07 1.57
C VAL A 173 10.23 33.15 0.65
N GLU A 174 10.82 32.69 -0.45
CA GLU A 174 11.44 33.58 -1.43
C GLU A 174 10.68 33.53 -2.74
N VAL A 175 10.62 34.66 -3.42
CA VAL A 175 10.05 34.67 -4.77
C VAL A 175 11.07 35.03 -5.84
N GLU A 176 10.91 34.42 -7.01
CA GLU A 176 11.68 34.77 -8.18
C GLU A 176 10.76 34.64 -9.39
N GLN A 177 10.17 35.75 -9.79
CA GLN A 177 9.25 35.76 -10.92
C GLN A 177 10.02 35.64 -12.23
N GLU A 178 11.14 36.33 -12.32
CA GLU A 178 11.98 36.20 -13.50
C GLU A 178 12.97 35.07 -13.29
N SER A 179 12.46 33.84 -13.43
CA SER A 179 13.30 32.66 -13.42
C SER A 179 13.71 32.39 -14.86
N PRO A 180 14.82 31.67 -15.04
CA PRO A 180 15.34 31.38 -16.38
C PRO A 180 14.20 30.99 -17.30
N HIS A 181 13.53 29.89 -16.94
CA HIS A 181 12.45 29.36 -17.72
C HIS A 181 11.15 29.60 -16.99
N GLY A 182 10.58 30.78 -17.19
CA GLY A 182 9.36 31.17 -16.51
C GLY A 182 9.60 31.78 -15.13
N SER A 183 8.63 31.62 -14.24
CA SER A 183 8.55 32.34 -12.97
C SER A 183 8.14 31.41 -11.84
N ALA A 184 8.82 31.46 -10.69
CA ALA A 184 8.58 30.48 -9.61
C ALA A 184 8.67 30.97 -8.15
N ILE A 185 8.62 30.02 -7.20
CA ILE A 185 8.77 30.28 -5.75
C ILE A 185 9.51 29.15 -5.04
N TYR A 186 9.98 29.40 -3.82
CA TYR A 186 10.83 28.44 -3.08
C TYR A 186 10.60 28.28 -1.57
N HIS A 187 9.48 27.68 -1.16
CA HIS A 187 9.27 27.43 0.27
C HIS A 187 10.59 26.98 0.90
N ARG A 188 11.06 27.74 1.88
CA ARG A 188 12.36 27.48 2.49
C ARG A 188 12.27 27.61 4.01
N THR A 189 11.07 27.49 4.53
CA THR A 189 10.83 27.59 5.95
C THR A 189 11.74 26.62 6.71
N GLU A 190 12.44 27.14 7.72
CA GLU A 190 13.31 26.32 8.55
C GLU A 190 14.68 26.10 7.93
N TYR A 191 14.85 26.58 6.69
CA TYR A 191 16.09 26.32 5.94
C TYR A 191 17.31 26.99 6.56
N ARG A 192 17.12 28.21 7.03
CA ARG A 192 18.10 28.89 7.86
C ARG A 192 18.49 27.98 9.03
N GLU A 193 17.57 27.09 9.38
CA GLU A 193 17.82 26.08 10.39
C GLU A 193 18.55 24.93 9.72
N ARG A 194 18.61 23.82 10.42
CA ARG A 194 19.39 22.66 10.04
C ARG A 194 19.08 22.15 8.65
N ARG A 195 17.91 22.51 8.13
CA ARG A 195 17.54 22.09 6.79
C ARG A 195 18.61 22.51 5.80
N ASP A 196 18.91 21.65 4.84
CA ASP A 196 19.74 22.02 3.71
C ASP A 196 18.94 21.86 2.40
N HIS A 197 17.63 21.98 2.50
CA HIS A 197 16.73 21.64 1.41
C HIS A 197 15.47 22.46 1.45
N TYR A 198 14.70 22.39 0.37
CA TYR A 198 13.41 23.07 0.30
C TYR A 198 12.59 22.55 -0.87
N ALA A 199 11.58 23.32 -1.26
CA ALA A 199 10.70 22.92 -2.35
C ALA A 199 10.54 24.04 -3.37
N VAL A 200 10.34 23.68 -4.63
CA VAL A 200 10.21 24.68 -5.69
C VAL A 200 8.88 24.54 -6.40
N PHE A 201 8.19 25.65 -6.59
CA PHE A 201 6.93 25.65 -7.31
C PHE A 201 7.04 26.59 -8.50
N ALA A 202 6.69 26.12 -9.69
CA ALA A 202 6.79 26.99 -10.86
C ALA A 202 5.85 26.66 -11.97
N VAL A 203 5.90 27.55 -12.95
CA VAL A 203 5.20 27.45 -14.21
C VAL A 203 6.26 27.85 -15.22
N ASN A 204 6.08 27.51 -16.48
CA ASN A 204 7.12 27.80 -17.47
C ASN A 204 6.94 29.09 -18.27
N THR A 205 5.95 29.89 -17.89
CA THR A 205 5.67 31.17 -18.53
C THR A 205 6.06 32.27 -17.57
N GLN A 206 6.60 33.36 -18.08
CA GLN A 206 6.78 34.51 -17.19
C GLN A 206 5.42 34.78 -16.58
N ALA A 207 5.33 34.62 -15.26
CA ALA A 207 4.05 34.83 -14.59
C ALA A 207 3.84 36.31 -14.54
N GLU A 208 2.63 36.75 -14.86
CA GLU A 208 2.31 38.15 -14.71
C GLU A 208 1.74 38.44 -13.31
N GLY A 209 1.98 37.54 -12.37
CA GLY A 209 1.60 37.77 -10.99
C GLY A 209 1.98 36.62 -10.08
N PHE A 210 1.61 36.74 -8.81
CA PHE A 210 1.89 35.68 -7.83
C PHE A 210 1.34 35.98 -6.42
N ASP A 211 1.73 35.13 -5.46
CA ASP A 211 1.25 35.20 -4.09
C ASP A 211 1.92 34.13 -3.27
N THR A 212 2.27 34.45 -2.04
CA THR A 212 2.88 33.46 -1.16
C THR A 212 2.36 33.46 0.27
N ASP A 213 1.22 34.10 0.51
CA ASP A 213 0.50 33.95 1.77
C ASP A 213 -0.98 33.66 1.54
N ARG A 214 -1.46 32.64 2.22
CA ARG A 214 -2.78 32.10 2.01
C ARG A 214 -3.88 33.10 2.30
N ASP A 215 -3.86 33.69 3.49
CA ASP A 215 -4.88 34.65 3.88
C ASP A 215 -4.83 35.81 2.91
N THR A 216 -3.62 36.24 2.59
CA THR A 216 -3.47 37.30 1.60
C THR A 216 -4.12 36.87 0.31
N PHE A 217 -3.87 35.62 -0.09
CA PHE A 217 -4.44 35.11 -1.32
C PHE A 217 -5.96 35.00 -1.22
N VAL A 218 -6.47 34.55 -0.09
CA VAL A 218 -7.90 34.31 0.04
C VAL A 218 -8.65 35.34 0.88
N GLY A 219 -7.94 36.06 1.76
CA GLY A 219 -8.57 37.03 2.63
C GLY A 219 -9.41 36.35 3.69
N ALA A 220 -9.67 37.05 4.79
CA ALA A 220 -10.38 36.43 5.89
C ALA A 220 -11.89 36.26 5.61
N TYR A 221 -12.57 35.60 6.55
CA TYR A 221 -14.03 35.38 6.48
C TYR A 221 -14.33 34.56 5.25
N ASN A 222 -13.38 33.68 4.92
CA ASN A 222 -13.36 33.05 3.60
C ASN A 222 -13.23 31.54 3.55
N SER A 223 -13.53 30.91 2.41
CA SER A 223 -13.24 29.48 2.33
C SER A 223 -12.29 29.31 1.17
N LEU A 224 -11.89 28.08 0.86
CA LEU A 224 -11.07 27.85 -0.33
C LEU A 224 -11.85 28.12 -1.61
N GLY A 225 -13.05 27.55 -1.69
CA GLY A 225 -13.94 27.76 -2.82
C GLY A 225 -14.39 29.19 -2.97
N GLU A 226 -14.01 30.04 -2.03
CA GLU A 226 -14.33 31.46 -2.06
C GLU A 226 -13.03 32.26 -2.08
N ALA A 227 -11.99 31.72 -2.70
CA ALA A 227 -10.69 32.40 -2.71
C ALA A 227 -10.83 33.84 -3.19
N ALA A 228 -10.14 34.78 -2.54
CA ALA A 228 -10.35 36.20 -2.80
C ALA A 228 -9.59 36.79 -3.98
N VAL A 229 -8.37 36.33 -4.22
CA VAL A 229 -7.56 36.84 -5.32
C VAL A 229 -8.06 36.43 -6.71
N PRO A 230 -8.43 35.14 -6.87
CA PRO A 230 -8.96 34.66 -8.15
C PRO A 230 -10.16 35.47 -8.65
N LEU A 231 -10.94 36.01 -7.72
CA LEU A 231 -12.13 36.79 -8.08
C LEU A 231 -11.79 38.24 -8.44
N LYS A 232 -10.72 38.75 -7.84
CA LYS A 232 -10.31 40.12 -8.10
C LYS A 232 -9.79 40.30 -9.52
N GLY A 233 -9.47 39.19 -10.17
CA GLY A 233 -9.03 39.23 -11.56
C GLY A 233 -7.53 39.43 -11.71
N GLU A 234 -6.84 39.54 -10.59
CA GLU A 234 -5.38 39.57 -10.58
C GLU A 234 -4.85 39.14 -9.22
N SER A 235 -3.53 39.18 -9.04
CA SER A 235 -2.94 38.67 -7.81
C SER A 235 -2.39 39.77 -6.92
N ALA A 236 -2.60 39.60 -5.62
CA ALA A 236 -2.15 40.57 -4.63
C ALA A 236 -0.66 40.49 -4.45
N ASN A 237 -0.04 39.50 -5.08
CA ASN A 237 1.41 39.40 -5.07
C ASN A 237 1.97 39.47 -3.66
N SER A 238 1.23 38.87 -2.75
CA SER A 238 1.65 38.76 -1.37
C SER A 238 3.07 38.24 -1.29
N VAL A 239 3.70 38.48 -0.14
CA VAL A 239 4.98 37.90 0.18
C VAL A 239 4.93 37.60 1.67
N ALA A 240 5.52 36.51 2.09
CA ALA A 240 5.23 36.00 3.42
C ALA A 240 6.33 36.13 4.45
N SER A 241 5.95 36.67 5.60
CA SER A 241 6.69 36.50 6.84
C SER A 241 5.69 35.87 7.78
N GLY A 242 6.01 34.69 8.27
CA GLY A 242 5.13 33.95 9.16
C GLY A 242 3.82 33.47 8.54
N TRP A 243 3.05 32.74 9.35
CA TRP A 243 1.71 32.24 8.96
C TRP A 243 1.76 31.15 7.89
N TYR A 244 0.66 30.91 7.19
CA TYR A 244 0.67 29.90 6.15
C TYR A 244 0.89 30.50 4.78
N PRO A 245 1.94 30.06 4.11
CA PRO A 245 2.41 30.37 2.77
C PRO A 245 2.01 29.35 1.71
N ILE A 246 1.69 29.88 0.53
CA ILE A 246 1.24 29.13 -0.60
C ILE A 246 2.06 29.61 -1.79
N GLY A 247 1.90 28.93 -2.93
CA GLY A 247 2.51 29.40 -4.16
C GLY A 247 1.47 29.63 -5.24
N SER A 248 1.61 30.74 -5.96
CA SER A 248 0.73 31.03 -7.08
C SER A 248 1.49 31.84 -8.12
N HIS A 249 1.03 31.76 -9.37
CA HIS A 249 1.59 32.58 -10.44
C HIS A 249 0.44 33.08 -11.32
N SER A 250 0.43 34.38 -11.60
CA SER A 250 -0.67 34.94 -12.37
C SER A 250 -0.42 34.70 -13.84
N VAL A 251 -1.36 34.03 -14.48
CA VAL A 251 -1.21 33.68 -15.88
C VAL A 251 -2.46 33.99 -16.69
N ALA A 252 -2.24 34.57 -17.87
CA ALA A 252 -3.34 34.89 -18.76
C ALA A 252 -3.12 34.15 -20.06
N VAL A 253 -4.22 33.66 -20.63
CA VAL A 253 -4.16 32.95 -21.89
C VAL A 253 -5.29 33.47 -22.76
N SER A 254 -4.99 33.68 -24.03
CA SER A 254 -5.98 34.14 -24.98
C SER A 254 -5.95 33.22 -26.19
N LEU A 255 -7.11 32.68 -26.58
CA LEU A 255 -7.11 31.59 -27.55
C LEU A 255 -8.30 31.62 -28.49
N ALA A 256 -8.00 31.75 -29.78
CA ALA A 256 -9.01 31.59 -30.82
C ALA A 256 -9.84 30.36 -30.49
N PRO A 257 -11.06 30.31 -31.02
CA PRO A 257 -11.84 29.08 -30.84
C PRO A 257 -11.05 27.84 -31.19
N GLY A 258 -11.07 26.83 -30.33
CA GLY A 258 -10.27 25.64 -30.51
C GLY A 258 -8.80 25.93 -30.22
N GLU A 259 -8.42 27.20 -30.22
CA GLU A 259 -7.05 27.55 -29.87
C GLU A 259 -6.74 27.07 -28.47
N SER A 260 -5.46 26.85 -28.22
CA SER A 260 -5.03 26.27 -26.95
C SER A 260 -3.62 26.69 -26.60
N ARG A 261 -3.33 26.60 -25.30
CA ARG A 261 -2.02 26.93 -24.77
C ARG A 261 -1.56 25.85 -23.81
N GLU A 262 -0.25 25.66 -23.71
CA GLU A 262 0.30 24.66 -22.80
C GLU A 262 1.08 25.28 -21.65
N LEU A 263 0.84 24.75 -20.45
CA LEU A 263 1.38 25.32 -19.22
C LEU A 263 1.92 24.24 -18.30
N VAL A 264 3.22 24.23 -18.03
CA VAL A 264 3.77 23.19 -17.18
C VAL A 264 4.27 23.70 -15.83
N TYR A 265 3.77 23.08 -14.77
CA TYR A 265 4.19 23.41 -13.43
C TYR A 265 5.22 22.40 -12.94
N VAL A 266 5.91 22.78 -11.89
CA VAL A 266 7.03 21.99 -11.40
C VAL A 266 7.19 22.21 -9.90
N LEU A 267 6.67 21.27 -9.14
CA LEU A 267 6.76 21.31 -7.70
C LEU A 267 7.82 20.30 -7.34
N GLY A 268 8.85 20.71 -6.61
CA GLY A 268 9.99 19.83 -6.40
C GLY A 268 10.65 19.90 -5.05
N TYR A 269 10.97 18.72 -4.53
CA TYR A 269 11.80 18.64 -3.34
C TYR A 269 13.21 18.88 -3.78
N VAL A 270 13.52 20.16 -3.93
CA VAL A 270 14.85 20.62 -4.31
C VAL A 270 15.78 20.56 -3.12
N GLU A 271 17.04 20.23 -3.35
CA GLU A 271 17.94 20.10 -2.21
C GLU A 271 19.41 20.19 -2.56
N ASN A 272 20.19 20.76 -1.64
CA ASN A 272 21.60 21.06 -1.88
C ASN A 272 22.52 20.42 -0.85
N PRO A 273 23.81 20.34 -1.18
CA PRO A 273 24.80 19.96 -0.17
C PRO A 273 24.97 21.14 0.75
N ASP A 274 25.55 20.97 1.93
CA ASP A 274 25.66 22.09 2.85
C ASP A 274 26.54 23.19 2.29
N GLU A 275 27.70 22.81 1.77
CA GLU A 275 28.68 23.79 1.31
C GLU A 275 28.10 24.77 0.30
N GLU A 276 27.32 24.27 -0.65
CA GLU A 276 26.78 25.12 -1.71
C GLU A 276 25.36 25.57 -1.39
N LYS A 277 25.04 25.59 -0.11
CA LYS A 277 23.70 25.93 0.35
C LYS A 277 23.33 27.37 0.00
N TRP A 278 24.32 28.25 -0.01
CA TRP A 278 24.09 29.69 -0.02
C TRP A 278 24.62 30.44 -1.23
N ALA A 279 23.81 31.39 -1.71
CA ALA A 279 24.23 32.28 -2.79
C ALA A 279 24.94 33.48 -2.19
N ASP A 280 25.15 33.44 -0.88
CA ASP A 280 25.73 34.56 -0.16
C ASP A 280 26.80 34.10 0.81
N ASP A 281 27.56 35.07 1.30
CA ASP A 281 28.43 34.86 2.42
C ASP A 281 27.64 35.42 3.57
N ALA A 282 26.53 36.05 3.20
CA ALA A 282 25.50 36.48 4.13
C ALA A 282 24.71 35.28 4.60
N LYS A 283 24.52 34.33 3.69
CA LYS A 283 23.71 33.15 3.96
C LYS A 283 22.31 33.65 4.21
N GLN A 284 21.78 34.38 3.24
CA GLN A 284 20.44 34.96 3.34
C GLN A 284 19.67 34.77 2.04
N VAL A 285 20.26 34.01 1.12
CA VAL A 285 19.57 33.61 -0.11
C VAL A 285 19.83 32.14 -0.41
N VAL A 286 18.83 31.46 -0.96
CA VAL A 286 18.95 30.03 -1.17
C VAL A 286 19.64 29.72 -2.49
N ASN A 287 20.64 28.86 -2.42
CA ASN A 287 21.25 28.32 -3.63
C ASN A 287 20.15 27.77 -4.51
N LYS A 288 20.14 28.13 -5.77
CA LYS A 288 19.07 27.71 -6.66
C LYS A 288 19.61 26.97 -7.87
N GLU A 289 20.88 26.58 -7.81
CA GLU A 289 21.47 25.78 -8.87
C GLU A 289 20.56 24.58 -9.14
N ARG A 290 20.43 23.73 -8.13
CA ARG A 290 19.79 22.42 -8.30
C ARG A 290 18.28 22.51 -8.57
N ALA A 291 17.74 23.71 -8.57
CA ALA A 291 16.31 23.92 -8.85
C ALA A 291 16.09 24.56 -10.22
N HIS A 292 17.05 25.39 -10.64
CA HIS A 292 17.00 25.98 -11.97
C HIS A 292 16.92 24.87 -12.99
N ALA A 293 17.80 23.88 -12.80
CA ALA A 293 17.82 22.68 -13.61
C ALA A 293 16.48 21.96 -13.54
N LEU A 294 16.03 21.74 -12.31
CA LEU A 294 14.76 21.04 -12.13
C LEU A 294 13.72 21.58 -13.12
N LEU A 295 13.26 22.81 -12.90
CA LEU A 295 12.26 23.43 -13.78
C LEU A 295 12.81 23.55 -15.20
N SER A 296 14.10 23.24 -15.37
CA SER A 296 14.75 23.38 -16.66
C SER A 296 14.52 22.19 -17.60
N ARG A 297 14.39 21.00 -17.03
CA ARG A 297 14.18 19.81 -17.83
C ARG A 297 12.70 19.62 -18.11
N PHE A 298 11.90 20.44 -17.45
CA PHE A 298 10.47 20.34 -17.52
C PHE A 298 9.82 21.64 -17.97
N ALA A 299 10.40 22.28 -18.97
CA ALA A 299 9.96 23.62 -19.33
C ALA A 299 9.28 23.71 -20.69
N THR A 300 9.08 22.57 -21.35
CA THR A 300 8.27 22.53 -22.56
C THR A 300 7.26 21.41 -22.43
N SER A 301 6.30 21.40 -23.34
CA SER A 301 5.36 20.30 -23.43
C SER A 301 6.03 19.10 -24.05
N GLU A 302 7.09 19.37 -24.80
CA GLU A 302 7.85 18.32 -25.45
C GLU A 302 8.50 17.45 -24.39
N GLN A 303 8.99 18.09 -23.34
CA GLN A 303 9.67 17.37 -22.26
C GLN A 303 8.65 16.76 -21.31
N THR A 304 7.58 17.49 -21.06
CA THR A 304 6.53 16.99 -20.19
C THR A 304 5.85 15.81 -20.85
N ASP A 305 5.54 15.96 -22.12
CA ASP A 305 5.02 14.84 -22.90
C ASP A 305 6.06 13.73 -22.98
N ALA A 306 7.31 14.14 -23.20
CA ALA A 306 8.41 13.19 -23.31
C ALA A 306 8.53 12.34 -22.07
N ALA A 307 8.30 12.97 -20.91
CA ALA A 307 8.39 12.28 -19.63
C ALA A 307 7.21 11.35 -19.46
N PHE A 308 6.02 11.82 -19.82
CA PHE A 308 4.82 11.02 -19.65
C PHE A 308 5.02 9.60 -20.13
N ALA A 309 5.64 9.46 -21.30
CA ALA A 309 5.91 8.16 -21.88
C ALA A 309 6.90 7.41 -21.04
N ALA A 310 8.07 8.03 -20.82
CA ALA A 310 9.15 7.39 -20.06
C ALA A 310 8.62 6.48 -18.94
N LEU A 311 7.75 7.03 -18.10
CA LEU A 311 7.17 6.24 -17.02
C LEU A 311 6.18 5.25 -17.56
N LYS A 312 5.34 5.68 -18.50
CA LYS A 312 4.35 4.79 -19.10
C LYS A 312 5.07 3.49 -19.44
N ASP A 313 6.20 3.63 -20.12
CA ASP A 313 7.06 2.51 -20.44
C ASP A 313 7.52 1.83 -19.17
N TYR A 314 7.94 2.64 -18.21
CA TYR A 314 8.36 2.13 -16.90
C TYR A 314 7.37 1.11 -16.33
N TRP A 315 6.11 1.51 -16.19
CA TRP A 315 5.06 0.55 -15.85
C TRP A 315 4.96 -0.47 -16.97
N THR A 316 4.96 0.05 -18.20
CA THR A 316 4.71 -0.78 -19.36
C THR A 316 5.67 -1.95 -19.39
N ASP A 317 6.96 -1.70 -19.27
CA ASP A 317 7.89 -2.81 -19.07
C ASP A 317 7.41 -3.63 -17.89
N LEU A 318 7.12 -2.92 -16.80
CA LEU A 318 7.01 -3.53 -15.47
C LEU A 318 6.01 -4.70 -15.32
N LEU A 319 4.95 -4.70 -16.11
CA LEU A 319 3.87 -5.66 -15.90
C LEU A 319 4.15 -7.02 -16.51
N SER A 320 5.22 -7.09 -17.30
CA SER A 320 5.55 -8.27 -18.11
C SER A 320 5.82 -9.53 -17.29
N THR A 321 6.65 -9.38 -16.28
CA THR A 321 7.17 -10.48 -15.50
C THR A 321 6.04 -11.32 -14.92
N TYR A 322 4.80 -10.84 -15.09
CA TYR A 322 3.60 -11.60 -14.76
C TYR A 322 2.32 -10.97 -15.33
N SER A 323 1.60 -11.77 -16.12
CA SER A 323 0.45 -11.27 -16.86
C SER A 323 -0.51 -12.41 -17.19
N VAL A 324 -1.69 -12.10 -17.69
CA VAL A 324 -2.66 -13.15 -18.00
C VAL A 324 -3.61 -12.87 -19.18
N SER A 325 -4.06 -13.96 -19.80
CA SER A 325 -5.07 -13.92 -20.85
C SER A 325 -6.18 -14.91 -20.47
N SER A 326 -7.41 -14.41 -20.40
CA SER A 326 -8.54 -15.23 -19.98
C SER A 326 -9.90 -14.66 -20.40
N ASN A 327 -10.96 -15.30 -19.91
CA ASN A 327 -12.32 -14.85 -20.17
C ASN A 327 -12.76 -13.85 -19.11
N ASP A 328 -12.16 -13.96 -17.93
CA ASP A 328 -12.59 -13.15 -16.79
C ASP A 328 -11.75 -11.90 -16.69
N GLU A 329 -12.05 -10.95 -17.55
CA GLU A 329 -11.48 -9.62 -17.49
C GLU A 329 -11.45 -9.16 -16.04
N LYS A 330 -12.58 -9.35 -15.34
CA LYS A 330 -12.68 -9.05 -13.93
C LYS A 330 -11.41 -9.55 -13.24
N LEU A 331 -11.07 -10.80 -13.50
CA LEU A 331 -9.82 -11.33 -12.99
C LEU A 331 -8.67 -10.56 -13.63
N ASP A 332 -8.62 -10.59 -14.95
CA ASP A 332 -7.45 -10.11 -15.68
C ASP A 332 -6.94 -8.75 -15.21
N ARG A 333 -7.80 -7.74 -15.23
CA ARG A 333 -7.36 -6.39 -14.89
C ARG A 333 -6.70 -6.32 -13.52
N MET A 334 -7.15 -7.13 -12.57
CA MET A 334 -6.63 -7.03 -11.21
C MET A 334 -5.27 -7.68 -11.06
N VAL A 335 -5.09 -8.90 -11.54
CA VAL A 335 -3.75 -9.48 -11.52
C VAL A 335 -2.81 -8.64 -12.38
N ASN A 336 -3.13 -8.61 -13.67
CA ASN A 336 -2.33 -7.91 -14.68
C ASN A 336 -1.88 -6.54 -14.27
N ILE A 337 -2.87 -5.69 -14.04
CA ILE A 337 -2.71 -4.25 -13.89
C ILE A 337 -2.88 -3.77 -12.46
N TRP A 338 -4.14 -3.65 -12.09
CA TRP A 338 -4.57 -2.84 -10.96
C TRP A 338 -4.16 -3.41 -9.62
N ASN A 339 -4.14 -4.74 -9.52
CA ASN A 339 -3.63 -5.33 -8.29
C ASN A 339 -2.12 -5.31 -8.21
N GLN A 340 -1.45 -5.71 -9.27
CA GLN A 340 0.00 -5.63 -9.28
C GLN A 340 0.38 -4.17 -9.01
N TYR A 341 -0.46 -3.25 -9.47
CA TYR A 341 -0.23 -1.87 -9.14
C TYR A 341 -0.43 -1.62 -7.65
N GLN A 342 -1.62 -1.93 -7.13
CA GLN A 342 -1.88 -1.70 -5.72
C GLN A 342 -0.79 -2.34 -4.86
N CYS A 343 -0.17 -3.39 -5.38
CA CYS A 343 0.91 -4.04 -4.65
C CYS A 343 2.05 -3.07 -4.45
N MET A 344 2.34 -2.29 -5.48
CA MET A 344 3.50 -1.40 -5.51
C MET A 344 3.43 -0.26 -4.50
N VAL A 345 2.30 0.44 -4.48
CA VAL A 345 2.11 1.53 -3.53
C VAL A 345 2.48 1.14 -2.13
N THR A 346 2.16 -0.10 -1.81
CA THR A 346 2.44 -0.63 -0.49
C THR A 346 3.92 -0.84 -0.28
N PHE A 347 4.61 -1.42 -1.24
CA PHE A 347 6.03 -1.63 -1.06
C PHE A 347 6.59 -0.35 -0.51
N ASN A 348 6.21 0.73 -1.19
CA ASN A 348 6.68 2.05 -0.84
C ASN A 348 5.97 2.68 0.33
N MET A 349 4.66 2.52 0.44
CA MET A 349 3.92 3.19 1.52
C MET A 349 4.05 2.50 2.88
N SER A 350 4.38 1.21 2.85
CA SER A 350 4.18 0.41 4.04
C SER A 350 2.75 0.79 4.39
N ARG A 351 2.47 1.16 5.64
CA ARG A 351 1.14 1.68 5.96
C ARG A 351 1.19 3.11 6.45
N SER A 352 2.30 3.76 6.16
CA SER A 352 2.52 5.15 6.51
C SER A 352 1.33 6.05 6.13
N ALA A 353 1.06 6.16 4.85
CA ALA A 353 0.15 7.19 4.35
C ALA A 353 -0.95 6.68 3.46
N SER A 354 -2.15 7.17 3.73
CA SER A 354 -3.35 6.94 2.93
C SER A 354 -4.24 8.12 3.25
N PHE A 355 -5.49 8.08 2.84
CA PHE A 355 -6.39 9.15 3.24
C PHE A 355 -7.02 8.82 4.58
N PHE A 356 -6.73 7.62 5.09
CA PHE A 356 -7.11 7.19 6.43
C PHE A 356 -5.88 7.15 7.34
N GLU A 357 -4.73 7.27 6.70
CA GLU A 357 -3.48 7.43 7.41
C GLU A 357 -3.10 8.89 7.43
N THR A 358 -3.09 9.46 8.61
CA THR A 358 -2.59 10.81 8.76
C THR A 358 -1.10 10.78 8.45
N GLY A 359 -0.58 9.58 8.27
CA GLY A 359 0.82 9.43 7.93
C GLY A 359 1.68 10.35 8.76
N ILE A 360 1.45 10.35 10.07
CA ILE A 360 2.36 10.96 11.01
C ILE A 360 2.83 9.90 11.97
N GLY A 361 1.89 9.16 12.52
CA GLY A 361 2.22 8.20 13.56
C GLY A 361 2.89 7.01 12.93
N ARG A 362 2.63 6.81 11.64
CA ARG A 362 3.05 5.59 10.98
C ARG A 362 4.12 5.71 9.94
N GLY A 363 5.27 5.10 10.24
CA GLY A 363 6.32 4.91 9.29
C GLY A 363 6.11 3.55 8.68
N MET A 364 7.18 2.78 8.54
CA MET A 364 7.05 1.48 7.91
C MET A 364 7.20 0.33 8.89
N GLY A 365 6.26 -0.61 8.80
CA GLY A 365 6.21 -1.73 9.71
C GLY A 365 7.07 -2.90 9.32
N PHE A 366 7.68 -3.51 10.32
CA PHE A 366 8.42 -4.74 10.15
C PHE A 366 7.51 -5.80 9.53
N ARG A 367 6.34 -5.92 10.14
CA ARG A 367 5.41 -6.97 9.81
C ARG A 367 4.64 -6.63 8.55
N ASP A 368 4.33 -5.36 8.32
CA ASP A 368 3.50 -4.99 7.19
C ASP A 368 4.27 -5.12 5.90
N SER A 369 5.58 -4.91 6.00
CA SER A 369 6.44 -4.93 4.83
C SER A 369 6.98 -6.31 4.47
N ASN A 370 7.57 -7.01 5.44
CA ASN A 370 7.98 -8.37 5.19
C ASN A 370 6.91 -9.11 4.40
N GLN A 371 5.66 -8.92 4.82
CA GLN A 371 4.48 -9.41 4.12
C GLN A 371 4.25 -8.61 2.84
N ASP A 372 4.67 -7.34 2.85
CA ASP A 372 4.54 -6.51 1.66
C ASP A 372 5.50 -6.94 0.54
N LEU A 373 6.62 -7.54 0.91
CA LEU A 373 7.65 -7.90 -0.05
C LEU A 373 7.20 -9.02 -0.96
N LEU A 374 6.56 -10.02 -0.38
CA LEU A 374 5.96 -11.09 -1.17
C LEU A 374 5.32 -10.55 -2.44
N GLY A 375 4.38 -9.61 -2.27
CA GLY A 375 3.69 -9.02 -3.39
C GLY A 375 4.58 -8.34 -4.41
N PHE A 376 5.85 -8.14 -4.05
CA PHE A 376 6.69 -7.23 -4.80
C PHE A 376 8.00 -7.79 -5.32
N VAL A 377 8.54 -8.84 -4.70
CA VAL A 377 9.85 -9.35 -5.13
C VAL A 377 9.93 -9.52 -6.65
N HIS A 378 8.80 -9.90 -7.25
CA HIS A 378 8.75 -10.13 -8.69
C HIS A 378 8.62 -8.87 -9.52
N LEU A 379 8.15 -7.78 -8.92
CA LEU A 379 8.16 -6.51 -9.63
C LEU A 379 9.59 -6.07 -9.85
N ILE A 380 10.40 -6.14 -8.80
CA ILE A 380 11.77 -5.64 -8.85
C ILE A 380 12.65 -6.28 -7.77
N PRO A 381 13.31 -7.38 -8.09
CA PRO A 381 14.14 -8.06 -7.10
C PRO A 381 15.23 -7.17 -6.50
N GLU A 382 15.86 -6.34 -7.33
CA GLU A 382 16.99 -5.52 -6.89
C GLU A 382 16.58 -4.55 -5.79
N ARG A 383 15.53 -3.77 -6.08
CA ARG A 383 14.99 -2.86 -5.10
C ARG A 383 14.64 -3.62 -3.85
N ALA A 384 14.06 -4.79 -4.04
CA ALA A 384 13.57 -5.60 -2.94
C ALA A 384 14.68 -6.07 -2.01
N ARG A 385 15.76 -6.61 -2.58
CA ARG A 385 16.89 -7.12 -1.81
C ARG A 385 17.32 -6.20 -0.66
N GLU A 386 17.12 -4.90 -0.87
CA GLU A 386 17.59 -3.86 0.04
C GLU A 386 16.65 -3.77 1.22
N ARG A 387 15.35 -3.72 0.93
CA ARG A 387 14.33 -3.70 1.97
C ARG A 387 14.58 -4.79 2.96
N ILE A 388 14.70 -6.02 2.46
CA ILE A 388 15.06 -7.16 3.30
C ILE A 388 16.13 -6.75 4.28
N ILE A 389 17.12 -6.04 3.77
CA ILE A 389 18.25 -5.63 4.60
C ILE A 389 17.95 -4.34 5.35
N ASP A 390 17.09 -3.50 4.78
CA ASP A 390 16.67 -2.27 5.45
C ASP A 390 15.77 -2.62 6.61
N ILE A 391 14.86 -3.55 6.37
CA ILE A 391 13.89 -4.04 7.36
C ILE A 391 14.50 -5.03 8.37
N ALA A 392 15.41 -5.86 7.87
CA ALA A 392 16.07 -6.80 8.74
C ALA A 392 16.93 -6.08 9.74
N SER A 393 17.42 -4.91 9.37
CA SER A 393 18.34 -4.17 10.24
C SER A 393 17.66 -3.63 11.48
N THR A 394 16.32 -3.59 11.45
CA THR A 394 15.56 -3.16 12.61
C THR A 394 15.34 -4.36 13.52
N GLN A 395 16.35 -5.22 13.54
CA GLN A 395 16.33 -6.51 14.21
C GLN A 395 17.21 -6.48 15.42
N PHE A 396 16.65 -6.75 16.58
CA PHE A 396 17.46 -6.86 17.78
C PHE A 396 18.30 -8.14 17.82
N ALA A 397 19.53 -8.02 18.31
CA ALA A 397 20.36 -9.19 18.53
C ALA A 397 19.66 -10.16 19.46
N ASP A 398 18.60 -9.66 20.09
CA ASP A 398 17.74 -10.47 20.93
C ASP A 398 17.03 -11.47 20.05
N GLY A 399 16.76 -11.08 18.82
CA GLY A 399 15.91 -11.82 17.92
C GLY A 399 14.62 -11.02 17.87
N SER A 400 14.31 -10.41 19.00
CA SER A 400 13.14 -9.55 19.12
C SER A 400 13.27 -8.46 18.10
N ALA A 401 12.16 -7.99 17.56
CA ALA A 401 12.22 -7.12 16.40
C ALA A 401 11.45 -5.82 16.54
N TYR A 402 12.09 -4.75 16.10
CA TYR A 402 11.47 -3.43 16.12
C TYR A 402 10.15 -3.51 15.39
N HIS A 403 9.06 -3.18 16.09
CA HIS A 403 7.77 -3.38 15.46
C HIS A 403 7.75 -2.74 14.10
N GLN A 404 8.36 -1.57 14.02
CA GLN A 404 8.41 -0.88 12.76
C GLN A 404 9.66 -0.04 12.65
N TYR A 405 9.66 0.86 11.68
CA TYR A 405 10.79 1.73 11.55
C TYR A 405 10.45 3.02 10.82
N GLN A 406 11.16 4.07 11.21
CA GLN A 406 10.98 5.39 10.64
C GLN A 406 11.56 5.37 9.24
N PRO A 407 10.68 5.48 8.24
CA PRO A 407 11.06 5.35 6.84
C PRO A 407 12.31 6.14 6.52
N LEU A 408 12.23 7.46 6.70
CA LEU A 408 13.30 8.36 6.30
C LEU A 408 14.62 8.11 7.04
N THR A 409 14.63 8.18 8.37
CA THR A 409 15.89 7.95 9.06
C THR A 409 16.28 6.48 9.02
N LYS A 410 15.37 5.64 8.50
CA LYS A 410 15.63 4.22 8.38
C LYS A 410 15.86 3.55 9.72
N ARG A 411 15.29 4.11 10.79
CA ARG A 411 15.57 3.60 12.13
C ARG A 411 14.30 3.12 12.85
N GLY A 412 14.50 2.21 13.80
CA GLY A 412 13.41 1.59 14.54
C GLY A 412 12.52 2.58 15.26
N ASN A 413 11.26 2.20 15.42
CA ASN A 413 10.28 3.00 16.15
C ASN A 413 9.60 2.21 17.24
N ASN A 414 9.53 2.80 18.42
CA ASN A 414 8.84 2.22 19.55
C ASN A 414 7.57 3.02 19.74
N ASP A 415 7.36 3.96 18.82
CA ASP A 415 6.25 4.89 18.87
C ASP A 415 4.92 4.18 19.01
N ILE A 416 4.76 3.08 18.30
CA ILE A 416 3.46 2.43 18.20
C ILE A 416 3.47 0.95 18.52
N GLY A 417 3.30 0.66 19.80
CA GLY A 417 3.36 -0.71 20.26
C GLY A 417 4.77 -1.27 20.27
N SER A 418 4.94 -2.39 20.96
CA SER A 418 6.23 -3.05 21.06
C SER A 418 6.06 -4.44 21.64
N GLY A 419 6.90 -5.40 21.26
CA GLY A 419 6.82 -6.72 21.84
C GLY A 419 5.87 -7.64 21.12
N PHE A 420 5.64 -7.34 19.84
CA PHE A 420 4.84 -8.20 19.00
C PHE A 420 5.60 -9.48 18.62
N ASN A 421 5.19 -10.60 19.17
CA ASN A 421 6.01 -11.81 19.11
C ASN A 421 5.97 -12.58 17.79
N ASP A 422 5.21 -12.12 16.81
CA ASP A 422 5.18 -12.81 15.53
C ASP A 422 6.14 -12.16 14.55
N ASP A 423 6.32 -10.84 14.66
CA ASP A 423 7.21 -10.11 13.76
C ASP A 423 8.39 -10.98 13.34
N PRO A 424 9.22 -11.36 14.31
CA PRO A 424 10.49 -12.06 14.07
C PRO A 424 10.43 -13.07 12.94
N LEU A 425 9.31 -13.77 12.77
CA LEU A 425 9.21 -14.83 11.75
C LEU A 425 8.88 -14.28 10.38
N TRP A 426 8.30 -13.10 10.36
CA TRP A 426 8.04 -12.46 9.10
C TRP A 426 9.31 -12.48 8.30
N LEU A 427 10.41 -12.04 8.91
CA LEU A 427 11.65 -11.88 8.18
C LEU A 427 11.86 -13.05 7.22
N ILE A 428 11.68 -14.26 7.75
CA ILE A 428 11.85 -15.44 6.95
C ILE A 428 10.87 -15.51 5.79
N ALA A 429 9.61 -15.13 6.05
CA ALA A 429 8.55 -15.26 5.05
C ALA A 429 8.76 -14.49 3.75
N GLY A 430 9.06 -13.19 3.88
CA GLY A 430 9.29 -12.38 2.71
C GLY A 430 10.65 -12.72 2.14
N THR A 431 11.60 -12.91 3.04
CA THR A 431 12.99 -13.12 2.66
C THR A 431 13.22 -14.41 1.89
N ALA A 432 12.73 -15.52 2.43
CA ALA A 432 12.87 -16.81 1.79
C ALA A 432 12.37 -16.72 0.38
N ALA A 433 11.42 -15.80 0.17
CA ALA A 433 10.78 -15.62 -1.14
C ALA A 433 11.71 -14.92 -2.11
N TYR A 434 12.37 -13.87 -1.64
CA TYR A 434 13.41 -13.25 -2.43
C TYR A 434 14.06 -14.35 -3.24
N ILE A 435 14.79 -15.21 -2.57
CA ILE A 435 15.54 -16.27 -3.21
C ILE A 435 14.73 -17.10 -4.20
N LYS A 436 13.50 -17.44 -3.85
CA LYS A 436 12.69 -18.25 -4.78
C LYS A 436 12.57 -17.53 -6.08
N GLU A 437 12.37 -16.23 -5.99
CA GLU A 437 12.22 -15.37 -7.13
C GLU A 437 13.50 -15.32 -7.97
N THR A 438 14.64 -15.38 -7.28
CA THR A 438 15.91 -15.01 -7.88
C THR A 438 16.92 -16.15 -7.84
N GLY A 439 16.94 -16.86 -6.72
CA GLY A 439 17.97 -17.85 -6.48
C GLY A 439 19.15 -17.23 -5.78
N ASP A 440 18.99 -15.95 -5.44
CA ASP A 440 20.03 -15.16 -4.81
C ASP A 440 20.24 -15.57 -3.37
N PHE A 441 21.15 -16.51 -3.15
CA PHE A 441 21.56 -16.88 -1.80
C PHE A 441 22.64 -15.92 -1.34
N SER A 442 22.79 -14.86 -2.12
CA SER A 442 23.76 -13.82 -1.88
C SER A 442 23.35 -13.02 -0.66
N ILE A 443 22.06 -12.74 -0.57
CA ILE A 443 21.52 -11.89 0.46
C ILE A 443 21.73 -12.44 1.87
N LEU A 444 21.75 -13.76 2.00
CA LEU A 444 22.05 -14.38 3.28
C LEU A 444 23.42 -13.97 3.75
N ASP A 445 24.35 -13.86 2.81
CA ASP A 445 25.72 -13.55 3.15
C ASP A 445 26.01 -12.05 3.23
N GLU A 446 25.09 -11.24 2.71
CA GLU A 446 25.11 -9.82 3.02
C GLU A 446 25.24 -9.75 4.52
N PRO A 447 25.85 -8.66 5.04
CA PRO A 447 25.93 -8.56 6.49
C PRO A 447 24.87 -7.63 6.99
N VAL A 448 24.01 -8.08 7.88
CA VAL A 448 22.99 -7.19 8.37
C VAL A 448 23.18 -6.96 9.85
N PRO A 449 23.16 -5.68 10.24
CA PRO A 449 23.50 -5.13 11.55
C PRO A 449 22.30 -5.25 12.44
N PHE A 450 22.46 -4.87 13.69
CA PHE A 450 21.45 -5.07 14.71
C PHE A 450 21.06 -3.75 15.34
N ASP A 451 19.90 -3.22 14.96
CA ASP A 451 19.43 -2.02 15.60
C ASP A 451 20.08 -0.83 14.90
N ASN A 452 20.69 -1.09 13.75
CA ASN A 452 21.44 -0.10 13.00
C ASN A 452 22.78 0.17 13.62
N GLU A 453 23.07 -0.53 14.70
CA GLU A 453 24.30 -0.32 15.42
C GLU A 453 25.43 -1.02 14.70
N PRO A 454 26.46 -0.24 14.32
CA PRO A 454 27.68 -0.68 13.63
C PRO A 454 28.57 -1.59 14.47
N GLY A 455 29.26 -2.50 13.79
CA GLY A 455 30.20 -3.41 14.41
C GLY A 455 29.53 -4.72 14.75
N SER A 456 28.20 -4.73 14.64
CA SER A 456 27.40 -5.87 15.05
C SER A 456 27.05 -6.74 13.85
N GLU A 457 27.08 -6.12 12.67
CA GLU A 457 26.69 -6.79 11.43
C GLU A 457 27.03 -8.27 11.42
N VAL A 458 26.07 -9.06 10.98
CA VAL A 458 26.28 -10.48 10.74
C VAL A 458 25.57 -10.84 9.45
N PRO A 459 26.01 -11.93 8.80
CA PRO A 459 25.31 -12.31 7.58
C PRO A 459 23.84 -12.31 7.89
N LEU A 460 23.03 -11.98 6.90
CA LEU A 460 21.59 -11.90 7.09
C LEU A 460 21.04 -13.22 7.62
N PHE A 461 21.88 -14.24 7.67
CA PHE A 461 21.41 -15.55 8.07
C PHE A 461 21.12 -15.58 9.56
N GLU A 462 21.95 -14.91 10.32
CA GLU A 462 21.73 -14.84 11.75
C GLU A 462 20.41 -14.18 12.06
N HIS A 463 19.97 -13.31 11.15
CA HIS A 463 18.68 -12.64 11.29
C HIS A 463 17.58 -13.62 11.02
N LEU A 464 17.84 -14.60 10.16
CA LEU A 464 16.91 -15.69 9.96
C LEU A 464 16.90 -16.63 11.17
N THR A 465 18.08 -16.95 11.65
CA THR A 465 18.23 -17.76 12.85
C THR A 465 17.57 -17.08 14.03
N ARG A 466 18.17 -15.98 14.48
CA ARG A 466 17.65 -15.23 15.63
C ARG A 466 16.13 -15.33 15.76
N SER A 467 15.44 -14.99 14.68
CA SER A 467 13.98 -14.94 14.66
C SER A 467 13.36 -16.33 14.74
N PHE A 468 13.96 -17.28 14.05
CA PHE A 468 13.50 -18.65 14.14
C PHE A 468 13.53 -19.08 15.60
N GLU A 469 14.68 -18.93 16.22
CA GLU A 469 14.87 -19.34 17.59
C GLU A 469 14.26 -18.38 18.59
N PHE A 470 13.79 -17.22 18.14
CA PHE A 470 13.13 -16.38 19.12
C PHE A 470 11.93 -17.13 19.65
N THR A 471 11.10 -17.63 18.74
CA THR A 471 9.94 -18.44 19.11
C THR A 471 10.31 -19.59 20.03
N VAL A 472 11.11 -20.51 19.50
CA VAL A 472 11.54 -21.70 20.22
C VAL A 472 11.81 -21.44 21.68
N THR A 473 12.42 -20.31 21.95
CA THR A 473 12.69 -19.86 23.31
C THR A 473 11.37 -19.43 23.97
N HIS A 474 10.59 -18.68 23.21
CA HIS A 474 9.43 -17.98 23.73
C HIS A 474 8.11 -18.69 23.46
N ARG A 475 7.84 -19.74 24.23
CA ARG A 475 6.57 -20.44 24.08
C ARG A 475 6.00 -20.92 25.41
N GLY A 476 4.73 -21.30 25.38
CA GLY A 476 3.98 -21.57 26.59
C GLY A 476 3.84 -23.03 26.89
N PRO A 477 3.31 -23.33 28.08
CA PRO A 477 3.25 -24.68 28.67
C PRO A 477 2.73 -25.71 27.67
N HIS A 478 1.96 -25.25 26.68
CA HIS A 478 1.44 -26.15 25.66
C HIS A 478 2.46 -26.45 24.56
N GLY A 479 3.62 -25.80 24.65
CA GLY A 479 4.61 -25.89 23.61
C GLY A 479 4.22 -24.92 22.51
N LEU A 480 3.12 -24.22 22.75
CA LEU A 480 2.65 -23.19 21.85
C LEU A 480 3.45 -21.94 22.10
N PRO A 481 3.67 -21.11 21.06
CA PRO A 481 4.51 -19.92 21.10
C PRO A 481 3.78 -18.83 21.87
N LEU A 482 4.47 -17.85 22.42
CA LEU A 482 3.79 -16.81 23.20
C LEU A 482 3.31 -15.64 22.36
N ILE A 483 2.17 -15.06 22.75
CA ILE A 483 1.54 -13.99 21.99
C ILE A 483 2.16 -12.65 22.31
N GLY A 484 2.60 -12.48 23.55
CA GLY A 484 3.07 -11.18 23.99
C GLY A 484 2.06 -10.08 23.72
N ARG A 485 2.57 -8.90 23.40
CA ARG A 485 1.72 -7.77 23.06
C ARG A 485 0.63 -8.20 22.09
N ALA A 486 0.99 -9.11 21.20
CA ALA A 486 0.07 -9.61 20.21
C ALA A 486 0.74 -10.56 19.23
N ASP A 487 -0.07 -11.47 18.71
CA ASP A 487 0.24 -12.16 17.49
C ASP A 487 -0.06 -11.14 16.42
N TRP A 488 0.09 -11.54 15.17
CA TRP A 488 -0.36 -10.73 14.05
C TRP A 488 -1.10 -9.48 14.50
N ASN A 489 -2.42 -9.50 14.33
CA ASN A 489 -3.24 -8.34 14.63
C ASN A 489 -3.05 -7.84 16.06
N ASP A 490 -3.13 -6.53 16.23
CA ASP A 490 -2.74 -5.90 17.49
C ASP A 490 -3.95 -5.75 18.37
N CYS A 491 -5.08 -6.30 17.93
CA CYS A 491 -6.28 -6.19 18.74
C CYS A 491 -6.42 -7.32 19.74
N LEU A 492 -5.52 -8.30 19.67
CA LEU A 492 -5.53 -9.42 20.63
C LEU A 492 -4.42 -9.30 21.66
N ASN A 493 -4.65 -8.50 22.70
CA ASN A 493 -3.68 -8.28 23.77
C ASN A 493 -4.10 -8.94 25.07
N LEU A 494 -3.70 -10.18 25.29
CA LEU A 494 -4.10 -10.87 26.50
C LEU A 494 -3.62 -10.15 27.78
N ASN A 495 -2.37 -9.68 27.75
CA ASN A 495 -1.72 -9.22 28.97
C ASN A 495 -1.84 -7.72 29.23
N CYS A 496 -3.00 -7.17 28.86
CA CYS A 496 -3.23 -5.74 28.98
C CYS A 496 -4.12 -5.43 30.18
N PHE A 497 -5.40 -5.80 30.08
CA PHE A 497 -6.37 -5.64 31.17
C PHE A 497 -6.48 -4.18 31.61
N SER A 498 -7.17 -3.33 30.87
CA SER A 498 -7.11 -1.90 31.19
C SER A 498 -8.44 -1.17 31.08
N THR A 499 -8.78 -0.45 32.16
CA THR A 499 -10.03 0.27 32.27
C THR A 499 -9.86 1.79 32.27
N THR A 500 -8.63 2.25 32.10
CA THR A 500 -8.37 3.69 32.14
C THR A 500 -8.06 4.27 30.76
N PRO A 501 -8.96 5.13 30.27
CA PRO A 501 -8.91 5.65 28.91
C PRO A 501 -7.69 6.53 28.66
N GLY A 502 -7.46 6.89 27.41
CA GLY A 502 -6.42 7.85 27.08
C GLY A 502 -5.10 7.23 26.66
N GLU A 503 -5.00 5.92 26.83
CA GLU A 503 -3.80 5.18 26.43
C GLU A 503 -4.18 4.24 25.32
N SER A 504 -3.58 4.41 24.14
CA SER A 504 -3.86 3.46 23.07
C SER A 504 -3.48 2.08 23.56
N PHE A 505 -4.09 1.07 22.95
CA PHE A 505 -3.85 -0.29 23.37
C PHE A 505 -2.50 -0.80 22.89
N GLN A 506 -1.89 -0.05 21.97
CA GLN A 506 -0.58 -0.42 21.44
C GLN A 506 0.58 0.27 22.17
N THR A 507 0.34 1.45 22.71
CA THR A 507 1.34 2.11 23.52
C THR A 507 1.19 1.69 24.97
N ILE A 508 -0.06 1.54 25.40
CA ILE A 508 -0.38 1.21 26.78
C ILE A 508 0.57 0.16 27.32
N GLU A 509 0.73 0.11 28.64
CA GLU A 509 1.68 -0.78 29.26
C GLU A 509 1.22 -2.24 29.25
N ASN A 510 2.18 -3.12 29.06
CA ASN A 510 1.93 -4.55 28.93
C ASN A 510 2.49 -5.28 30.15
N GLN A 511 1.65 -6.05 30.84
CA GLN A 511 2.00 -6.61 32.15
C GLN A 511 2.96 -7.79 32.09
N ALA A 512 3.96 -7.75 32.97
CA ALA A 512 4.97 -8.80 33.05
C ALA A 512 4.33 -10.08 33.52
N GLY A 513 4.60 -11.17 32.82
CA GLY A 513 4.09 -12.47 33.20
C GLY A 513 3.11 -13.05 32.19
N GLY A 514 2.78 -14.32 32.38
CA GLY A 514 1.83 -15.00 31.52
C GLY A 514 2.08 -16.48 31.29
N VAL A 515 1.03 -17.14 30.84
CA VAL A 515 1.09 -18.50 30.37
C VAL A 515 0.39 -18.42 29.03
N ALA A 516 0.35 -17.19 28.49
CA ALA A 516 -0.47 -16.83 27.34
C ALA A 516 0.17 -17.20 26.00
N GLU A 517 -0.64 -17.68 25.06
CA GLU A 517 -0.16 -18.25 23.80
C GLU A 517 -1.06 -17.93 22.65
N SER A 518 -0.45 -17.81 21.48
CA SER A 518 -1.18 -17.63 20.23
C SER A 518 -1.06 -18.84 19.35
N THR A 519 -2.18 -19.23 18.77
CA THR A 519 -2.18 -20.36 17.87
C THR A 519 -1.94 -19.86 16.45
N PHE A 520 -2.17 -18.57 16.22
CA PHE A 520 -1.94 -17.99 14.90
C PHE A 520 -0.44 -18.01 14.62
N ILE A 521 0.33 -17.67 15.63
CA ILE A 521 1.79 -17.68 15.51
C ILE A 521 2.28 -19.08 15.26
N ALA A 522 1.94 -19.96 16.20
CA ALA A 522 2.36 -21.35 16.12
C ALA A 522 2.17 -21.78 14.68
N ALA A 523 1.01 -21.46 14.15
CA ALA A 523 0.68 -21.79 12.76
C ALA A 523 1.75 -21.24 11.83
N GLN A 524 1.98 -19.94 11.90
CA GLN A 524 2.93 -19.35 10.97
C GLN A 524 4.29 -20.04 11.05
N PHE A 525 4.83 -20.13 12.25
CA PHE A 525 6.11 -20.76 12.49
C PHE A 525 6.25 -22.21 11.94
N VAL A 526 5.12 -22.82 11.60
CA VAL A 526 5.13 -24.20 11.08
C VAL A 526 5.29 -24.12 9.59
N LEU A 527 5.10 -22.91 9.09
CA LEU A 527 5.27 -22.59 7.69
C LEU A 527 6.70 -22.12 7.49
N TYR A 528 7.14 -21.27 8.41
CA TYR A 528 8.43 -20.63 8.28
C TYR A 528 9.54 -21.40 8.96
N GLY A 529 9.21 -22.17 9.98
CA GLY A 529 10.18 -23.07 10.56
C GLY A 529 10.90 -23.77 9.43
N GLU A 530 10.10 -24.35 8.54
CA GLU A 530 10.60 -25.04 7.37
C GLU A 530 11.19 -24.07 6.36
N GLN A 531 10.61 -22.88 6.28
CA GLN A 531 11.11 -21.88 5.37
C GLN A 531 12.60 -21.77 5.59
N TYR A 532 13.03 -21.74 6.84
CA TYR A 532 14.45 -21.55 7.16
C TYR A 532 15.25 -22.84 7.44
N ALA A 533 14.58 -23.90 7.86
CA ALA A 533 15.28 -25.16 8.14
C ALA A 533 15.93 -25.70 6.86
N GLU A 534 15.31 -25.35 5.74
CA GLU A 534 15.70 -25.78 4.41
C GLU A 534 16.84 -24.90 3.91
N LEU A 535 16.59 -23.59 3.86
CA LEU A 535 17.55 -22.61 3.39
C LEU A 535 18.81 -22.78 4.16
N ALA A 536 18.66 -23.06 5.45
CA ALA A 536 19.79 -23.39 6.29
C ALA A 536 20.46 -24.69 5.85
N ALA A 537 19.67 -25.61 5.32
CA ALA A 537 20.17 -26.90 4.89
C ALA A 537 20.98 -26.73 3.61
N ARG A 538 20.40 -26.06 2.63
CA ARG A 538 21.13 -25.77 1.40
C ARG A 538 22.39 -25.01 1.74
N ARG A 539 22.46 -24.59 3.00
CA ARG A 539 23.64 -23.99 3.56
C ARG A 539 24.67 -25.08 3.83
N GLY A 540 24.22 -26.30 4.07
CA GLY A 540 25.13 -27.37 4.42
C GLY A 540 25.24 -27.43 5.93
N LEU A 541 24.44 -26.60 6.58
CA LEU A 541 24.21 -26.71 8.02
C LEU A 541 23.16 -27.78 8.20
N ALA A 542 23.53 -29.01 7.84
CA ALA A 542 22.59 -30.13 7.87
C ALA A 542 22.21 -30.46 9.31
N ASP A 543 23.19 -30.45 10.20
CA ASP A 543 22.89 -30.80 11.58
C ASP A 543 21.92 -29.83 12.22
N VAL A 544 21.99 -28.55 11.86
CA VAL A 544 21.05 -27.55 12.40
C VAL A 544 19.85 -27.27 11.49
N ALA A 545 19.71 -28.03 10.43
CA ALA A 545 18.54 -27.90 9.55
C ALA A 545 17.49 -28.95 9.95
N ASP A 546 17.85 -29.72 10.97
CA ASP A 546 17.02 -30.80 11.45
C ASP A 546 16.47 -30.40 12.81
N ARG A 547 17.36 -29.95 13.68
CA ARG A 547 16.96 -29.34 14.95
C ARG A 547 15.81 -28.39 14.65
N ALA A 548 16.09 -27.43 13.76
CA ALA A 548 15.09 -26.48 13.27
C ALA A 548 13.87 -27.20 12.71
N ARG A 549 14.14 -28.22 11.89
CA ARG A 549 13.09 -29.02 11.26
C ARG A 549 12.22 -29.68 12.32
N GLY A 550 12.86 -30.09 13.40
CA GLY A 550 12.21 -30.80 14.47
C GLY A 550 11.32 -29.89 15.29
N HIS A 551 11.83 -28.69 15.58
CA HIS A 551 11.09 -27.75 16.40
C HIS A 551 9.75 -27.37 15.78
N VAL A 552 9.63 -27.57 14.48
CA VAL A 552 8.37 -27.29 13.81
C VAL A 552 7.35 -28.31 14.25
N ALA A 553 7.78 -29.57 14.33
CA ALA A 553 6.89 -30.70 14.55
C ALA A 553 6.38 -30.76 15.96
N GLU A 554 7.27 -30.73 16.93
CA GLU A 554 6.83 -30.55 18.29
C GLU A 554 5.71 -29.55 18.19
N MET A 555 5.96 -28.51 17.40
CA MET A 555 5.01 -27.41 17.16
C MET A 555 3.90 -27.75 16.17
N ARG A 556 4.21 -28.56 15.17
CA ARG A 556 3.18 -29.03 14.25
C ARG A 556 2.19 -29.81 15.08
N ASP A 557 2.77 -30.73 15.86
CA ASP A 557 2.02 -31.67 16.69
C ASP A 557 1.33 -31.03 17.90
N ALA A 558 1.84 -29.89 18.33
CA ALA A 558 1.26 -29.23 19.51
C ALA A 558 0.18 -28.23 19.10
N LEU A 559 -0.06 -28.13 17.80
CA LEU A 559 -0.99 -27.15 17.25
C LEU A 559 -2.31 -27.84 16.94
N LEU A 560 -2.30 -29.17 17.07
CA LEU A 560 -3.50 -29.95 16.87
C LEU A 560 -3.98 -30.54 18.19
N THR A 561 -3.03 -31.03 18.98
CA THR A 561 -3.31 -31.50 20.31
C THR A 561 -3.90 -30.41 21.20
N ASP A 562 -3.35 -29.20 21.08
CA ASP A 562 -3.60 -28.14 22.06
C ASP A 562 -4.32 -26.94 21.48
N GLY A 563 -4.39 -26.84 20.17
CA GLY A 563 -5.05 -25.68 19.61
C GLY A 563 -6.23 -26.10 18.78
N TRP A 564 -6.65 -27.33 18.98
CA TRP A 564 -7.74 -27.90 18.21
C TRP A 564 -9.08 -27.89 18.95
N ASP A 565 -10.16 -27.64 18.21
CA ASP A 565 -11.48 -27.67 18.82
C ASP A 565 -12.33 -28.78 18.22
N GLY A 566 -11.71 -29.66 17.45
CA GLY A 566 -12.43 -30.74 16.79
C GLY A 566 -13.34 -30.18 15.72
N SER A 567 -13.16 -28.90 15.43
CA SER A 567 -14.01 -28.20 14.49
C SER A 567 -13.28 -26.98 13.92
N TRP A 568 -12.38 -26.44 14.74
CA TRP A 568 -11.64 -25.23 14.37
C TRP A 568 -10.46 -25.13 15.31
N PHE A 569 -9.52 -24.25 14.99
CA PHE A 569 -8.36 -24.04 15.84
C PHE A 569 -8.65 -23.00 16.91
N LEU A 570 -8.09 -23.22 18.10
CA LEU A 570 -8.26 -22.27 19.19
C LEU A 570 -7.59 -20.97 18.85
N ARG A 571 -8.26 -19.84 19.10
CA ARG A 571 -7.66 -18.53 18.84
C ARG A 571 -6.39 -18.38 19.68
N ALA A 572 -6.51 -18.69 20.97
CA ALA A 572 -5.37 -18.60 21.88
C ALA A 572 -5.67 -19.13 23.28
N TYR A 573 -4.61 -19.52 23.97
CA TYR A 573 -4.69 -19.74 25.40
C TYR A 573 -4.32 -18.45 26.15
N ASP A 574 -5.33 -17.79 26.72
CA ASP A 574 -5.10 -16.50 27.39
C ASP A 574 -4.21 -16.55 28.62
N TYR A 575 -4.27 -15.49 29.41
CA TYR A 575 -3.24 -15.20 30.40
C TYR A 575 -3.01 -16.22 31.52
N TYR A 576 -4.06 -16.86 32.03
CA TYR A 576 -3.88 -17.82 33.11
C TYR A 576 -4.02 -19.25 32.60
N GLY A 577 -4.11 -19.39 31.29
CA GLY A 577 -4.11 -20.71 30.68
C GLY A 577 -5.45 -21.13 30.09
N ASN A 578 -6.46 -20.30 30.28
CA ASN A 578 -7.77 -20.57 29.71
C ASN A 578 -7.81 -20.19 28.24
N PRO A 579 -8.67 -20.85 27.47
CA PRO A 579 -8.58 -20.69 26.02
C PRO A 579 -9.45 -19.56 25.52
N ILE A 580 -9.35 -19.30 24.24
CA ILE A 580 -10.08 -18.23 23.59
C ILE A 580 -10.46 -18.74 22.21
N GLY A 581 -11.70 -18.49 21.79
CA GLY A 581 -12.17 -18.99 20.52
C GLY A 581 -12.55 -20.47 20.56
N THR A 582 -12.99 -20.94 21.71
CA THR A 582 -13.58 -22.28 21.80
C THR A 582 -15.03 -22.14 21.42
N ASP A 583 -15.65 -23.26 21.06
CA ASP A 583 -17.08 -23.32 20.91
C ASP A 583 -17.73 -23.07 22.26
N ALA A 584 -16.90 -22.99 23.30
CA ALA A 584 -17.36 -22.89 24.69
C ALA A 584 -17.70 -21.47 25.14
N HIS A 585 -17.72 -20.51 24.22
CA HIS A 585 -18.11 -19.17 24.59
C HIS A 585 -19.29 -18.68 23.77
N ASP A 586 -20.07 -17.79 24.36
CA ASP A 586 -21.24 -17.21 23.70
C ASP A 586 -20.77 -16.49 22.45
N GLU A 587 -19.76 -15.67 22.64
CA GLU A 587 -19.25 -14.78 21.60
C GLU A 587 -17.80 -15.08 21.31
N GLY A 588 -17.49 -15.24 20.03
CA GLY A 588 -16.13 -15.37 19.59
C GLY A 588 -15.58 -16.77 19.68
N LYS A 589 -16.38 -17.75 19.27
CA LYS A 589 -15.91 -19.12 19.26
C LYS A 589 -14.96 -19.40 18.09
N ILE A 590 -15.26 -18.87 16.91
CA ILE A 590 -14.42 -19.12 15.75
C ILE A 590 -13.65 -17.90 15.26
N TRP A 591 -12.33 -17.98 15.30
CA TRP A 591 -11.48 -16.88 14.85
C TRP A 591 -10.73 -17.29 13.59
N ILE A 592 -10.89 -16.51 12.53
CA ILE A 592 -10.52 -16.92 11.17
C ILE A 592 -9.02 -17.19 10.96
N GLU A 593 -8.19 -16.69 11.86
CA GLU A 593 -6.78 -16.59 11.54
C GLU A 593 -5.95 -17.86 11.69
N PRO A 594 -6.11 -18.59 12.79
CA PRO A 594 -5.34 -19.83 12.82
C PRO A 594 -5.85 -20.70 11.70
N GLN A 595 -7.12 -20.49 11.38
CA GLN A 595 -7.85 -21.29 10.39
C GLN A 595 -7.22 -21.22 8.99
N GLY A 596 -7.18 -20.01 8.44
CA GLY A 596 -6.57 -19.80 7.14
C GLY A 596 -5.09 -20.09 7.23
N PHE A 597 -4.46 -19.65 8.31
CA PHE A 597 -3.00 -19.67 8.38
C PHE A 597 -2.42 -21.03 8.72
N ALA A 598 -3.25 -21.92 9.24
CA ALA A 598 -2.75 -23.23 9.64
C ALA A 598 -2.98 -24.23 8.52
N VAL A 599 -3.65 -23.79 7.47
CA VAL A 599 -3.95 -24.69 6.38
C VAL A 599 -3.02 -24.33 5.24
N MET A 600 -2.64 -23.06 5.19
CA MET A 600 -1.63 -22.64 4.25
C MET A 600 -0.34 -23.34 4.61
N ALA A 601 -0.13 -23.50 5.91
CA ALA A 601 1.06 -24.16 6.45
C ALA A 601 0.89 -25.67 6.35
N GLY A 602 -0.34 -26.11 6.09
CA GLY A 602 -0.61 -27.50 5.82
C GLY A 602 -1.06 -28.37 6.99
N VAL A 603 -1.24 -27.78 8.17
CA VAL A 603 -1.61 -28.57 9.35
C VAL A 603 -3.03 -29.16 9.28
N GLY A 604 -3.15 -30.38 9.77
CA GLY A 604 -4.41 -31.10 9.71
C GLY A 604 -4.97 -31.04 8.31
N VAL A 605 -4.24 -31.67 7.40
CA VAL A 605 -4.66 -31.74 6.00
C VAL A 605 -4.62 -33.20 5.59
N GLY A 606 -5.71 -33.67 4.98
CA GLY A 606 -5.83 -35.09 4.67
C GLY A 606 -5.59 -35.45 3.23
N GLU A 607 -6.14 -36.59 2.81
CA GLU A 607 -5.93 -37.13 1.46
C GLU A 607 -6.46 -36.22 0.35
N GLY A 608 -7.72 -35.81 0.46
CA GLY A 608 -8.33 -34.93 -0.52
C GLY A 608 -9.30 -33.98 0.12
N PRO A 609 -10.07 -33.27 -0.70
CA PRO A 609 -11.17 -32.44 -0.19
C PRO A 609 -12.43 -33.26 0.03
N GLN A 610 -12.50 -34.44 -0.58
CA GLN A 610 -13.61 -35.35 -0.35
C GLN A 610 -13.60 -35.76 1.12
N ASP A 611 -12.43 -36.21 1.58
CA ASP A 611 -12.24 -36.57 2.99
C ASP A 611 -12.65 -35.41 3.90
N THR A 612 -13.58 -35.67 4.81
CA THR A 612 -14.03 -34.64 5.76
C THR A 612 -13.51 -34.94 7.18
N ASP A 613 -12.77 -36.03 7.32
CA ASP A 613 -12.13 -36.36 8.58
C ASP A 613 -10.84 -35.58 8.73
N ALA A 614 -10.65 -34.58 7.89
CA ALA A 614 -9.46 -33.76 7.98
C ALA A 614 -9.79 -32.44 8.65
N PRO A 615 -9.16 -32.16 9.81
CA PRO A 615 -9.26 -30.88 10.51
C PRO A 615 -9.15 -29.73 9.51
N ALA A 616 -8.24 -29.83 8.54
CA ALA A 616 -8.21 -28.88 7.45
C ALA A 616 -9.65 -28.63 7.07
N ILE A 617 -10.32 -29.71 6.70
CA ILE A 617 -11.68 -29.61 6.17
C ILE A 617 -12.66 -29.13 7.22
N LYS A 618 -12.70 -29.78 8.37
CA LYS A 618 -13.62 -29.33 9.40
C LYS A 618 -13.40 -27.84 9.65
N ALA A 619 -12.13 -27.47 9.70
CA ALA A 619 -11.74 -26.10 10.01
C ALA A 619 -12.30 -25.07 9.03
N LEU A 620 -12.27 -25.40 7.74
CA LEU A 620 -12.77 -24.46 6.73
C LEU A 620 -14.27 -24.59 6.55
N ASP A 621 -14.77 -25.82 6.66
CA ASP A 621 -16.20 -26.03 6.59
C ASP A 621 -16.80 -24.96 7.46
N SER A 622 -16.27 -24.84 8.67
CA SER A 622 -16.88 -23.99 9.69
C SER A 622 -16.80 -22.51 9.32
N VAL A 623 -15.61 -22.01 9.01
CA VAL A 623 -15.52 -20.59 8.64
C VAL A 623 -16.55 -20.33 7.55
N ASN A 624 -16.79 -21.37 6.77
CA ASN A 624 -17.82 -21.35 5.76
C ASN A 624 -19.17 -21.20 6.42
N GLU A 625 -19.45 -22.04 7.42
CA GLU A 625 -20.71 -21.99 8.14
C GLU A 625 -20.85 -20.72 8.99
N MET A 626 -19.76 -20.25 9.58
CA MET A 626 -19.82 -19.21 10.61
C MET A 626 -19.39 -17.83 10.12
N LEU A 627 -18.12 -17.68 9.76
CA LEU A 627 -17.53 -16.37 9.44
C LEU A 627 -17.96 -15.82 8.09
N ALA A 628 -18.03 -16.70 7.11
CA ALA A 628 -18.17 -16.32 5.70
C ALA A 628 -19.34 -15.38 5.39
N THR A 629 -19.03 -14.31 4.67
CA THR A 629 -20.02 -13.35 4.25
C THR A 629 -19.97 -13.25 2.74
N ASP A 630 -21.05 -12.76 2.15
CA ASP A 630 -21.08 -12.50 0.73
C ASP A 630 -19.96 -11.54 0.30
N HIS A 631 -19.63 -10.58 1.17
CA HIS A 631 -18.57 -9.61 0.94
C HIS A 631 -17.19 -10.10 1.36
N GLY A 632 -17.13 -11.21 2.10
CA GLY A 632 -15.86 -11.67 2.65
C GLY A 632 -15.96 -12.21 4.05
N MET A 633 -14.86 -12.72 4.57
CA MET A 633 -14.89 -13.45 5.83
C MET A 633 -14.50 -12.59 7.02
N VAL A 634 -15.50 -12.23 7.81
CA VAL A 634 -15.27 -11.50 9.05
C VAL A 634 -14.19 -12.17 9.88
N LEU A 635 -13.42 -11.36 10.60
CA LEU A 635 -12.28 -11.85 11.37
C LEU A 635 -12.61 -13.05 12.27
N GLN A 636 -13.74 -12.97 12.97
CA GLN A 636 -14.18 -14.08 13.78
C GLN A 636 -15.70 -13.94 14.03
N TYR A 637 -16.30 -14.92 14.71
CA TYR A 637 -17.73 -14.79 14.98
C TYR A 637 -18.21 -15.60 16.18
N PRO A 638 -19.20 -15.06 16.90
CA PRO A 638 -19.67 -13.71 16.53
C PRO A 638 -18.90 -12.60 17.22
N ALA A 639 -19.10 -11.37 16.76
CA ALA A 639 -18.41 -10.21 17.34
C ALA A 639 -18.93 -9.93 18.73
N TYR A 640 -18.32 -8.95 19.38
CA TYR A 640 -18.58 -8.71 20.80
C TYR A 640 -19.65 -7.69 21.14
N THR A 641 -20.36 -7.96 22.23
CA THR A 641 -21.40 -7.08 22.74
C THR A 641 -20.95 -6.45 24.04
N THR A 642 -19.73 -6.79 24.45
CA THR A 642 -19.21 -6.40 25.74
C THR A 642 -17.69 -6.48 25.72
N TYR A 643 -17.04 -5.64 26.54
CA TYR A 643 -15.58 -5.42 26.49
C TYR A 643 -14.73 -6.43 27.26
N GLN A 644 -14.16 -7.40 26.54
CA GLN A 644 -13.32 -8.44 27.15
C GLN A 644 -12.07 -7.85 27.77
N VAL A 645 -12.16 -7.48 29.04
CA VAL A 645 -11.02 -6.85 29.69
C VAL A 645 -9.73 -7.59 29.34
N HIS A 646 -9.75 -8.91 29.48
CA HIS A 646 -8.53 -9.71 29.36
C HIS A 646 -7.91 -9.65 27.97
N MET A 647 -8.73 -9.42 26.96
CA MET A 647 -8.27 -9.53 25.56
C MET A 647 -7.54 -8.32 25.02
N GLY A 648 -7.97 -7.14 25.43
CA GLY A 648 -7.41 -5.91 24.91
C GLY A 648 -8.36 -5.18 23.97
N GLU A 649 -7.78 -4.53 22.97
CA GLU A 649 -8.48 -3.61 22.08
C GLU A 649 -9.60 -4.24 21.25
N VAL A 650 -9.66 -5.57 21.29
CA VAL A 650 -10.51 -6.32 20.38
C VAL A 650 -12.00 -5.92 20.48
N SER A 651 -12.52 -5.78 21.70
CA SER A 651 -13.95 -5.54 21.90
C SER A 651 -14.33 -4.07 21.95
N THR A 652 -13.32 -3.21 21.99
CA THR A 652 -13.55 -1.78 21.96
C THR A 652 -14.39 -1.43 20.75
N TYR A 653 -14.19 -2.19 19.69
CA TYR A 653 -14.92 -1.99 18.47
C TYR A 653 -16.34 -2.49 18.65
N PRO A 654 -17.32 -1.68 18.21
CA PRO A 654 -18.69 -2.19 18.11
C PRO A 654 -18.69 -3.46 17.29
N PRO A 655 -19.74 -4.29 17.42
CA PRO A 655 -19.79 -5.46 16.53
C PRO A 655 -19.71 -5.02 15.07
N GLY A 656 -19.16 -5.89 14.22
CA GLY A 656 -19.19 -5.67 12.78
C GLY A 656 -18.06 -4.81 12.27
N TYR A 657 -17.26 -4.28 13.17
CA TYR A 657 -16.20 -3.37 12.77
C TYR A 657 -14.76 -3.87 13.01
N LYS A 658 -13.99 -3.92 11.95
CA LYS A 658 -12.55 -4.10 12.04
C LYS A 658 -12.15 -5.45 12.60
N GLU A 659 -11.19 -5.43 13.50
CA GLU A 659 -10.71 -6.64 14.15
C GLU A 659 -11.79 -7.26 15.03
N ASN A 660 -12.97 -6.66 15.01
CA ASN A 660 -14.12 -7.16 15.78
C ASN A 660 -15.33 -7.54 14.91
N GLY A 661 -15.32 -8.76 14.38
CA GLY A 661 -16.42 -9.21 13.55
C GLY A 661 -16.55 -8.41 12.28
N GLY A 662 -15.46 -7.75 11.91
CA GLY A 662 -15.40 -7.04 10.65
C GLY A 662 -14.67 -7.90 9.67
N ILE A 663 -15.03 -7.78 8.40
CA ILE A 663 -14.29 -8.48 7.36
C ILE A 663 -12.89 -7.88 7.27
N PHE A 664 -11.91 -8.64 7.73
CA PHE A 664 -10.54 -8.20 7.56
C PHE A 664 -9.96 -8.80 6.30
N CYS A 665 -10.14 -8.10 5.19
CA CYS A 665 -9.61 -8.56 3.92
C CYS A 665 -8.36 -9.34 4.16
N HIS A 666 -7.40 -8.70 4.80
CA HIS A 666 -6.09 -9.32 4.90
C HIS A 666 -6.19 -10.77 5.31
N ALA A 667 -6.95 -11.04 6.36
CA ALA A 667 -7.10 -12.40 6.88
C ALA A 667 -7.62 -13.36 5.82
N ASN A 668 -8.40 -12.82 4.89
CA ASN A 668 -9.11 -13.62 3.89
C ASN A 668 -8.25 -14.42 2.91
N PRO A 669 -7.31 -13.75 2.19
CA PRO A 669 -6.47 -14.42 1.18
C PRO A 669 -5.63 -15.57 1.74
N TRP A 670 -5.44 -15.59 3.07
CA TRP A 670 -4.73 -16.66 3.74
C TRP A 670 -5.51 -17.94 3.68
N VAL A 671 -6.83 -17.80 3.72
CA VAL A 671 -7.70 -18.95 3.77
C VAL A 671 -7.86 -19.54 2.38
N ILE A 672 -7.88 -18.68 1.37
CA ILE A 672 -8.15 -19.14 0.02
C ILE A 672 -7.22 -20.25 -0.42
N ILE A 673 -5.92 -19.96 -0.34
CA ILE A 673 -4.95 -20.95 -0.70
C ILE A 673 -5.19 -22.14 0.20
N ALA A 674 -5.73 -21.91 1.40
CA ALA A 674 -6.18 -23.02 2.21
C ALA A 674 -7.17 -23.83 1.37
N GLU A 675 -8.16 -23.18 0.76
CA GLU A 675 -9.05 -23.89 -0.17
C GLU A 675 -8.25 -24.56 -1.26
N THR A 676 -7.36 -23.81 -1.90
CA THR A 676 -6.50 -24.38 -2.93
C THR A 676 -5.63 -25.49 -2.33
N VAL A 677 -4.85 -25.13 -1.31
CA VAL A 677 -4.11 -26.10 -0.51
C VAL A 677 -4.97 -27.34 -0.35
N VAL A 678 -6.22 -27.13 0.03
CA VAL A 678 -7.15 -28.23 0.30
C VAL A 678 -7.69 -28.86 -0.97
N GLY A 679 -7.79 -28.07 -2.04
CA GLY A 679 -8.30 -28.55 -3.30
C GLY A 679 -9.68 -28.04 -3.62
N ARG A 680 -10.27 -27.31 -2.68
CA ARG A 680 -11.57 -26.72 -2.90
C ARG A 680 -11.45 -25.47 -3.75
N GLY A 681 -10.87 -25.63 -4.94
CA GLY A 681 -10.66 -24.52 -5.85
C GLY A 681 -11.88 -23.66 -6.05
N GLY A 682 -13.01 -24.30 -6.34
CA GLY A 682 -14.22 -23.57 -6.61
C GLY A 682 -14.56 -22.63 -5.48
N ARG A 683 -14.32 -23.05 -4.24
CA ARG A 683 -14.69 -22.28 -3.05
C ARG A 683 -13.82 -21.03 -2.90
N ALA A 684 -12.52 -21.26 -2.91
CA ALA A 684 -11.52 -20.20 -2.80
C ALA A 684 -11.83 -19.04 -3.74
N PHE A 685 -11.83 -19.33 -5.03
CA PHE A 685 -12.18 -18.32 -6.02
C PHE A 685 -13.43 -17.56 -5.59
N ASP A 686 -14.50 -18.29 -5.33
CA ASP A 686 -15.75 -17.68 -4.85
C ASP A 686 -15.44 -16.69 -3.75
N TYR A 687 -14.48 -17.04 -2.90
CA TYR A 687 -13.97 -16.16 -1.84
C TYR A 687 -13.24 -14.96 -2.41
N TYR A 688 -12.40 -15.23 -3.40
CA TYR A 688 -11.51 -14.22 -3.93
C TYR A 688 -12.24 -13.22 -4.79
N LYS A 689 -13.21 -13.65 -5.57
CA LYS A 689 -14.06 -12.68 -6.24
C LYS A 689 -14.98 -12.05 -5.20
N ARG A 690 -15.07 -12.71 -4.04
CA ARG A 690 -15.91 -12.25 -2.95
C ARG A 690 -15.40 -10.94 -2.34
N ILE A 691 -14.16 -10.94 -1.83
CA ILE A 691 -13.58 -9.72 -1.27
C ILE A 691 -12.84 -8.93 -2.34
N THR A 692 -13.24 -9.11 -3.58
CA THR A 692 -12.46 -8.50 -4.66
C THR A 692 -13.14 -7.42 -5.48
N PRO A 693 -12.41 -6.31 -5.67
CA PRO A 693 -12.84 -5.01 -6.19
C PRO A 693 -12.88 -4.99 -7.71
N ALA A 694 -12.15 -5.89 -8.35
CA ALA A 694 -12.39 -5.99 -9.77
C ALA A 694 -13.88 -6.12 -9.90
N TYR A 695 -14.39 -7.01 -9.07
CA TYR A 695 -15.77 -7.32 -9.04
C TYR A 695 -16.44 -6.26 -8.16
N ARG A 696 -15.67 -5.23 -7.75
CA ARG A 696 -16.21 -4.12 -6.92
C ARG A 696 -17.02 -3.15 -7.69
N GLU A 697 -16.72 -2.98 -8.97
CA GLU A 697 -17.37 -1.97 -9.81
C GLU A 697 -18.90 -1.97 -9.68
N ASP A 698 -19.42 -3.09 -9.20
CA ASP A 698 -20.85 -3.36 -9.17
C ASP A 698 -21.71 -2.35 -8.39
N ILE A 699 -21.43 -2.21 -7.10
CA ILE A 699 -22.20 -1.32 -6.23
C ILE A 699 -21.30 -0.25 -5.65
N SER A 700 -20.61 0.49 -6.49
CA SER A 700 -19.66 1.48 -6.01
C SER A 700 -20.18 2.13 -4.72
N ASP A 701 -21.50 2.20 -4.55
CA ASP A 701 -22.08 2.88 -3.41
C ASP A 701 -22.05 2.09 -2.10
N VAL A 702 -22.12 0.76 -2.15
CA VAL A 702 -21.95 -0.02 -0.93
C VAL A 702 -20.59 0.26 -0.30
N HIS A 703 -19.58 0.30 -1.14
CA HIS A 703 -18.20 0.50 -0.73
C HIS A 703 -17.92 1.93 -0.34
N ARG A 704 -18.30 2.88 -1.20
CA ARG A 704 -18.01 4.27 -0.96
C ARG A 704 -16.53 4.52 -1.26
N LEU A 705 -15.86 3.49 -1.79
CA LEU A 705 -14.43 3.62 -2.08
C LEU A 705 -13.97 3.20 -3.49
N GLU A 706 -12.65 3.32 -3.69
CA GLU A 706 -11.97 2.98 -4.94
C GLU A 706 -12.24 1.52 -5.32
N PRO A 707 -12.95 1.32 -6.45
CA PRO A 707 -13.25 -0.01 -7.03
C PRO A 707 -12.01 -0.74 -7.55
N TYR A 708 -10.83 -0.13 -7.47
CA TYR A 708 -9.64 -0.76 -8.02
C TYR A 708 -8.65 -1.19 -6.96
N VAL A 709 -8.98 -0.95 -5.70
CA VAL A 709 -7.99 -1.27 -4.68
C VAL A 709 -8.48 -2.12 -3.53
N TYR A 710 -7.58 -2.99 -3.08
CA TYR A 710 -7.79 -3.76 -1.89
C TYR A 710 -7.73 -2.81 -0.72
N ALA A 711 -8.87 -2.70 -0.07
CA ALA A 711 -9.04 -1.89 1.12
C ALA A 711 -9.17 -2.83 2.30
N GLN A 712 -8.34 -2.63 3.31
CA GLN A 712 -8.54 -3.32 4.57
C GLN A 712 -9.93 -2.91 4.98
N MET A 713 -10.59 -3.70 5.82
CA MET A 713 -11.86 -3.27 6.39
C MET A 713 -12.93 -3.09 5.32
N ILE A 714 -13.75 -4.10 5.14
CA ILE A 714 -15.04 -3.91 4.51
C ILE A 714 -15.97 -4.33 5.63
N ALA A 715 -16.97 -3.51 5.92
CA ALA A 715 -17.74 -3.64 7.16
C ALA A 715 -18.42 -4.97 7.26
N GLY A 716 -18.81 -5.34 8.49
CA GLY A 716 -19.25 -6.69 8.76
C GLY A 716 -20.74 -6.91 8.68
N LYS A 717 -21.16 -8.19 8.64
CA LYS A 717 -22.57 -8.55 8.63
C LYS A 717 -23.22 -7.99 9.88
N GLU A 718 -22.48 -8.00 10.97
CA GLU A 718 -22.99 -7.50 12.25
C GLU A 718 -23.27 -5.99 12.25
N ALA A 719 -22.47 -5.23 11.50
CA ALA A 719 -22.58 -3.78 11.46
C ALA A 719 -23.66 -3.26 10.49
N VAL A 720 -24.15 -2.06 10.76
CA VAL A 720 -25.22 -1.43 9.97
C VAL A 720 -24.76 -1.09 8.55
N ARG A 721 -23.55 -0.53 8.46
CA ARG A 721 -22.97 -0.16 7.16
C ARG A 721 -22.12 -1.29 6.64
N HIS A 722 -22.50 -2.52 6.93
CA HIS A 722 -21.79 -3.66 6.37
C HIS A 722 -21.61 -3.44 4.88
N GLY A 723 -20.57 -4.03 4.29
CA GLY A 723 -20.26 -3.75 2.91
C GLY A 723 -19.65 -2.35 2.81
N GLU A 724 -19.48 -1.73 3.97
CA GLU A 724 -18.77 -0.46 4.07
C GLU A 724 -17.30 -0.75 4.16
N ALA A 725 -16.53 -0.38 3.15
CA ALA A 725 -15.10 -0.60 3.21
C ALA A 725 -14.41 0.71 3.51
N LYS A 726 -13.47 0.72 4.46
CA LYS A 726 -12.71 1.92 4.77
C LYS A 726 -11.23 1.58 4.69
N ASN A 727 -10.38 2.60 4.57
CA ASN A 727 -8.94 2.45 4.67
C ASN A 727 -8.33 1.83 3.43
N SER A 728 -9.11 1.86 2.35
CA SER A 728 -8.65 1.43 1.04
C SER A 728 -7.27 1.96 0.74
N TRP A 729 -6.47 1.10 0.09
CA TRP A 729 -5.23 1.51 -0.54
C TRP A 729 -4.01 1.02 0.20
N LEU A 730 -4.14 0.77 1.48
CA LEU A 730 -2.94 0.39 2.24
C LEU A 730 -3.15 -0.77 3.19
N THR A 731 -3.48 -1.91 2.59
CA THR A 731 -3.77 -3.13 3.30
C THR A 731 -2.86 -4.21 2.72
N GLY A 732 -2.29 -5.04 3.58
CA GLY A 732 -1.42 -6.12 3.13
C GLY A 732 -2.15 -7.04 2.18
N THR A 733 -3.45 -6.86 2.14
CA THR A 733 -4.33 -7.57 1.24
C THR A 733 -3.92 -7.36 -0.21
N ALA A 734 -3.38 -6.19 -0.50
CA ALA A 734 -2.87 -5.88 -1.83
C ALA A 734 -1.77 -6.86 -2.17
N ALA A 735 -0.91 -7.08 -1.17
CA ALA A 735 0.26 -7.95 -1.33
C ALA A 735 -0.14 -9.41 -1.19
N TRP A 736 -1.11 -9.70 -0.35
CA TRP A 736 -1.47 -11.09 -0.08
C TRP A 736 -2.47 -11.67 -1.06
N ASN A 737 -3.30 -10.82 -1.63
CA ASN A 737 -4.18 -11.25 -2.69
C ASN A 737 -3.48 -11.44 -4.01
N PHE A 738 -2.61 -10.50 -4.39
CA PHE A 738 -1.87 -10.77 -5.59
C PHE A 738 -1.28 -12.14 -5.45
N VAL A 739 -0.62 -12.39 -4.33
CA VAL A 739 0.00 -13.68 -4.06
C VAL A 739 -0.86 -14.84 -4.53
N THR A 740 -2.05 -14.94 -3.94
CA THR A 740 -2.93 -16.06 -4.19
C THR A 740 -3.07 -16.36 -5.67
N VAL A 741 -3.55 -15.40 -6.45
CA VAL A 741 -3.70 -15.61 -7.89
C VAL A 741 -2.34 -15.78 -8.56
N SER A 742 -1.41 -14.93 -8.19
CA SER A 742 -0.06 -15.11 -8.62
C SER A 742 0.18 -16.60 -8.58
N GLN A 743 0.18 -17.14 -7.37
CA GLN A 743 0.85 -18.41 -7.11
C GLN A 743 -0.03 -19.65 -6.86
N TYR A 744 -1.23 -19.45 -6.34
CA TYR A 744 -2.02 -20.59 -5.89
C TYR A 744 -3.27 -20.85 -6.71
N LEU A 745 -3.97 -19.79 -7.09
CA LEU A 745 -5.12 -19.89 -7.98
C LEU A 745 -4.67 -20.14 -9.41
N LEU A 746 -3.89 -19.21 -9.96
CA LEU A 746 -3.29 -19.40 -11.27
C LEU A 746 -2.00 -20.21 -11.11
N GLY A 747 -1.78 -20.64 -9.87
CA GLY A 747 -0.78 -21.64 -9.57
C GLY A 747 0.55 -21.51 -10.27
N VAL A 748 0.89 -20.33 -10.75
CA VAL A 748 2.21 -20.11 -11.29
C VAL A 748 3.09 -19.62 -10.14
N ARG A 749 3.68 -20.57 -9.44
CA ARG A 749 4.44 -20.23 -8.25
C ARG A 749 5.77 -20.96 -8.19
N PRO A 750 6.86 -20.18 -8.05
CA PRO A 750 8.29 -20.48 -8.00
C PRO A 750 8.77 -21.30 -6.80
N GLU A 751 9.97 -21.82 -6.96
CA GLU A 751 10.70 -22.42 -5.88
C GLU A 751 12.19 -22.31 -6.16
N TYR A 752 12.99 -22.77 -5.19
CA TYR A 752 14.43 -22.76 -5.30
C TYR A 752 14.92 -23.64 -6.43
N ASP A 753 14.15 -24.66 -6.77
CA ASP A 753 14.63 -25.65 -7.73
C ASP A 753 13.88 -25.68 -9.06
N GLY A 754 12.77 -24.98 -9.15
CA GLY A 754 12.08 -24.88 -10.43
C GLY A 754 10.81 -24.08 -10.36
N LEU A 755 10.19 -23.86 -11.51
CA LEU A 755 8.87 -23.22 -11.54
C LEU A 755 7.72 -24.22 -11.44
N VAL A 756 6.87 -23.98 -10.46
CA VAL A 756 5.77 -24.86 -10.10
C VAL A 756 4.45 -24.38 -10.70
N VAL A 757 3.91 -25.12 -11.66
CA VAL A 757 2.58 -24.81 -12.18
C VAL A 757 1.48 -25.68 -11.56
N ASP A 758 0.63 -25.09 -10.74
CA ASP A 758 -0.44 -25.84 -10.12
C ASP A 758 -1.67 -24.99 -9.87
N PRO A 759 -2.50 -24.79 -10.90
CA PRO A 759 -3.75 -24.05 -10.78
C PRO A 759 -4.80 -24.80 -9.95
N GLN A 760 -5.77 -24.04 -9.43
CA GLN A 760 -6.93 -24.54 -8.70
C GLN A 760 -7.97 -23.42 -8.70
N ILE A 761 -8.60 -23.18 -9.84
CA ILE A 761 -9.37 -21.97 -10.01
C ILE A 761 -10.86 -22.21 -9.97
N GLY A 762 -11.26 -23.42 -9.62
CA GLY A 762 -12.66 -23.77 -9.73
C GLY A 762 -13.02 -23.71 -11.20
N PRO A 763 -14.21 -24.20 -11.57
CA PRO A 763 -14.62 -24.23 -12.97
C PRO A 763 -14.89 -22.86 -13.57
N ASP A 764 -15.07 -21.84 -12.75
CA ASP A 764 -15.41 -20.53 -13.31
C ASP A 764 -14.45 -20.11 -14.44
N VAL A 765 -13.16 -20.36 -14.25
CA VAL A 765 -12.18 -20.03 -15.26
C VAL A 765 -11.58 -21.29 -15.92
N PRO A 766 -12.11 -21.66 -17.08
CA PRO A 766 -11.70 -22.88 -17.78
C PRO A 766 -10.44 -22.74 -18.65
N SER A 767 -9.92 -21.54 -18.85
CA SER A 767 -8.77 -21.35 -19.75
C SER A 767 -8.06 -20.01 -19.58
N PHE A 768 -6.73 -20.07 -19.64
CA PHE A 768 -5.91 -18.87 -19.49
C PHE A 768 -4.55 -19.07 -20.15
N THR A 769 -3.86 -17.96 -20.38
CA THR A 769 -2.45 -18.02 -20.76
C THR A 769 -1.63 -17.12 -19.87
N VAL A 770 -0.84 -17.74 -19.02
CA VAL A 770 0.02 -17.02 -18.09
C VAL A 770 1.42 -16.97 -18.64
N THR A 771 1.94 -15.77 -18.75
CA THR A 771 3.32 -15.59 -19.16
C THR A 771 4.08 -14.92 -18.03
N ARG A 772 5.06 -15.65 -17.50
CA ARG A 772 5.83 -15.21 -16.35
C ARG A 772 7.30 -15.25 -16.70
N VAL A 773 7.98 -14.14 -16.48
CA VAL A 773 9.41 -14.08 -16.72
C VAL A 773 10.17 -14.58 -15.51
N ALA A 774 10.86 -15.71 -15.67
CA ALA A 774 11.61 -16.29 -14.58
C ALA A 774 13.05 -16.51 -15.00
N ARG A 775 13.97 -15.89 -14.27
CA ARG A 775 15.38 -16.16 -14.47
C ARG A 775 15.74 -15.85 -15.91
N GLY A 776 15.02 -14.92 -16.51
CA GLY A 776 15.33 -14.50 -17.87
C GLY A 776 14.58 -15.27 -18.94
N ALA A 777 13.95 -16.37 -18.56
CA ALA A 777 13.21 -17.20 -19.51
C ALA A 777 11.71 -17.00 -19.36
N THR A 778 11.05 -16.75 -20.48
CA THR A 778 9.60 -16.54 -20.48
C THR A 778 8.85 -17.88 -20.49
N TYR A 779 7.87 -18.02 -19.60
CA TYR A 779 7.08 -19.23 -19.50
C TYR A 779 5.66 -18.98 -19.92
N GLU A 780 5.24 -19.63 -21.00
CA GLU A 780 3.92 -19.42 -21.57
C GLU A 780 3.02 -20.58 -21.19
N ILE A 781 2.22 -20.37 -20.15
CA ILE A 781 1.42 -21.43 -19.58
C ILE A 781 -0.06 -21.38 -20.01
N THR A 782 -0.34 -22.07 -21.11
CA THR A 782 -1.71 -22.23 -21.59
C THR A 782 -2.35 -23.42 -20.88
N VAL A 783 -3.49 -23.19 -20.23
CA VAL A 783 -4.03 -24.21 -19.34
C VAL A 783 -5.49 -24.52 -19.57
N THR A 784 -5.84 -25.78 -19.29
CA THR A 784 -7.19 -26.29 -19.51
C THR A 784 -7.84 -26.73 -18.20
N ASN A 785 -8.87 -25.99 -17.84
CA ASN A 785 -9.53 -26.15 -16.55
C ASN A 785 -10.85 -26.89 -16.72
N SER A 786 -11.07 -27.91 -15.90
CA SER A 786 -12.34 -28.64 -15.93
C SER A 786 -12.94 -28.76 -14.53
N GLY A 787 -12.12 -28.47 -13.52
CA GLY A 787 -12.62 -28.06 -12.23
C GLY A 787 -12.82 -29.08 -11.14
N THR A 788 -12.51 -30.34 -11.41
CA THR A 788 -12.65 -31.35 -10.37
C THR A 788 -12.06 -30.84 -9.06
N ASP A 789 -12.87 -30.78 -8.02
CA ASP A 789 -12.32 -30.58 -6.69
C ASP A 789 -11.22 -31.61 -6.52
N GLY A 790 -10.10 -31.20 -5.97
CA GLY A 790 -8.97 -32.12 -5.85
C GLY A 790 -8.44 -32.57 -7.19
N SER A 791 -8.84 -31.87 -8.26
CA SER A 791 -8.25 -32.09 -9.57
C SER A 791 -6.86 -31.49 -9.55
N ARG A 792 -6.02 -31.95 -10.46
CA ARG A 792 -4.70 -31.34 -10.58
C ARG A 792 -4.23 -31.35 -12.04
N GLY A 793 -3.27 -30.48 -12.34
CA GLY A 793 -2.74 -30.38 -13.68
C GLY A 793 -1.56 -31.31 -13.90
N ARG A 794 -1.54 -31.92 -15.07
CA ARG A 794 -0.40 -32.71 -15.51
C ARG A 794 0.35 -31.85 -16.49
N LEU A 795 1.69 -31.85 -16.42
CA LEU A 795 2.45 -30.94 -17.28
C LEU A 795 3.08 -31.58 -18.52
N VAL A 796 3.07 -30.83 -19.62
CA VAL A 796 3.64 -31.25 -20.88
C VAL A 796 4.54 -30.13 -21.36
N VAL A 797 5.77 -30.14 -20.88
CA VAL A 797 6.69 -29.03 -21.13
C VAL A 797 7.46 -29.16 -22.45
N ASP A 798 7.23 -28.20 -23.34
CA ASP A 798 7.88 -28.16 -24.64
C ASP A 798 7.53 -29.37 -25.50
N GLY A 799 6.29 -29.85 -25.38
CA GLY A 799 5.83 -30.92 -26.22
C GLY A 799 6.02 -32.30 -25.62
N THR A 800 6.97 -32.41 -24.70
CA THR A 800 7.25 -33.67 -24.03
C THR A 800 6.59 -33.67 -22.65
N PRO A 801 6.03 -34.81 -22.22
CA PRO A 801 5.34 -34.94 -20.93
C PRO A 801 6.24 -35.24 -19.72
N VAL A 802 5.99 -34.57 -18.60
CA VAL A 802 6.83 -34.67 -17.41
C VAL A 802 6.07 -34.96 -16.12
N GLU A 803 6.81 -35.35 -15.09
CA GLU A 803 6.25 -35.62 -13.76
C GLU A 803 6.68 -34.56 -12.75
N GLY A 804 5.75 -34.19 -11.86
CA GLY A 804 6.00 -33.18 -10.84
C GLY A 804 5.01 -32.05 -10.98
N ASN A 805 5.07 -31.09 -10.06
CA ASN A 805 4.35 -29.83 -10.21
C ASN A 805 5.31 -28.90 -10.90
N LEU A 806 6.45 -29.45 -11.28
CA LEU A 806 7.69 -28.69 -11.42
C LEU A 806 8.25 -28.58 -12.84
N VAL A 807 8.82 -27.42 -13.14
CA VAL A 807 9.53 -27.18 -14.39
C VAL A 807 10.96 -26.80 -14.08
N PRO A 808 11.92 -27.45 -14.73
CA PRO A 808 13.32 -27.06 -14.49
C PRO A 808 13.58 -25.61 -14.91
N TYR A 809 14.36 -24.89 -14.12
CA TYR A 809 14.70 -23.51 -14.46
C TYR A 809 15.45 -23.45 -15.78
N ALA A 810 14.99 -22.55 -16.65
CA ALA A 810 15.47 -22.50 -18.02
C ALA A 810 16.43 -21.33 -18.30
N PRO A 811 17.58 -21.64 -18.92
CA PRO A 811 18.55 -20.68 -19.40
C PRO A 811 17.90 -19.46 -20.07
N ALA A 812 18.42 -18.28 -19.74
CA ALA A 812 17.81 -17.02 -20.14
C ALA A 812 17.65 -16.87 -21.64
N GLY A 813 16.88 -15.87 -22.05
CA GLY A 813 16.61 -15.61 -23.45
C GLY A 813 15.86 -16.76 -24.08
N SER A 814 15.60 -17.78 -23.26
CA SER A 814 14.88 -18.95 -23.74
C SER A 814 13.42 -18.80 -23.45
N THR A 815 12.61 -19.38 -24.31
CA THR A 815 11.17 -19.33 -24.13
C THR A 815 10.61 -20.75 -24.11
N VAL A 816 9.71 -21.01 -23.16
CA VAL A 816 9.35 -22.38 -22.78
C VAL A 816 7.84 -22.57 -22.73
N ARG A 817 7.38 -23.71 -23.25
CA ARG A 817 5.95 -24.01 -23.34
C ARG A 817 5.52 -24.96 -22.25
N VAL A 818 4.57 -24.52 -21.43
CA VAL A 818 3.95 -25.42 -20.46
C VAL A 818 2.49 -25.62 -20.81
N ASP A 819 2.09 -26.87 -20.94
CA ASP A 819 0.67 -27.22 -21.05
C ASP A 819 0.31 -28.16 -19.92
N VAL A 820 -0.75 -27.82 -19.21
CA VAL A 820 -1.17 -28.59 -18.05
C VAL A 820 -2.68 -28.72 -18.13
N THR A 821 -3.19 -29.93 -17.98
CA THR A 821 -4.64 -30.17 -17.96
C THR A 821 -5.09 -30.69 -16.60
N LEU A 822 -6.27 -30.23 -16.18
CA LEU A 822 -6.74 -30.53 -14.83
C LEU A 822 -8.24 -30.28 -14.74
C2 BGC B . -6.29 -1.63 13.31
C3 BGC B . -5.08 -2.33 12.71
C4 BGC B . -3.76 -1.84 13.29
C5 BGC B . -3.85 -1.18 14.67
C6 BGC B . -2.79 -0.11 14.83
C1 BGC B . -6.16 -1.37 14.78
O1 BGC B . -7.31 -0.71 15.16
O2 BGC B . -7.49 -2.30 12.99
O3 BGC B . -5.13 -2.25 11.31
O4 BGC B . -2.76 -2.83 13.27
O5 BGC B . -5.07 -0.55 14.94
O6 BGC B . -1.50 -0.64 14.79
C2 BGC B . -1.15 -3.93 11.97
C3 BGC B . -0.90 -5.37 11.57
C4 BGC B . -2.08 -6.21 11.87
C5 BGC B . -3.29 -5.61 11.26
C6 BGC B . -4.40 -6.55 11.64
C1 BGC B . -2.59 -3.47 12.02
O2 BGC B . -0.38 -3.14 11.12
O3 BGC B . 0.20 -5.83 12.26
O4 BGC B . -1.89 -7.51 11.44
O5 BGC B . -3.64 -4.40 11.83
O6 BGC B . -4.57 -6.32 13.00
S SO4 C . -3.46 -5.01 7.00
O1 SO4 C . -4.00 -4.11 8.03
O2 SO4 C . -2.08 -5.35 7.31
O3 SO4 C . -4.28 -6.21 6.91
O4 SO4 C . -3.49 -4.33 5.71
#